data_2WK7
#
_entry.id   2WK7
#
_cell.length_a   177.314
_cell.length_b   70.077
_cell.length_c   70.703
_cell.angle_alpha   90.00
_cell.angle_beta   90.00
_cell.angle_gamma   90.00
#
_symmetry.space_group_name_H-M   'P 21 21 2'
#
loop_
_entity.id
_entity.type
_entity.pdbx_description
1 polymer 'CAI-1 AUTOINDUCER SYNTHASE'
2 non-polymer 'SULFATE ION'
#
_entity_poly.entity_id   1
_entity_poly.type   'polypeptide(L)'
_entity_poly.pdbx_seq_one_letter_code
;MNKPQLPDFIQNKIDHYIENYFDINKNGKHLVLGKQASPDDIILQSNDYLALANHPLIKARLAKSLLEEQQSLFMSASFL
QNDYDKPMIEKRLAKFTGFDECLLSQSGWNANVGLLQTICQPNTNVYIDFFAHMSLWEGARYANAQAHPFMHNNCDHLRM
LIQRHGPGIIVVDSIYSTLGTIAPLAELVNISKEFGCALLVDESHSLGTHGPNGAGLLAELGLTREVHFMTASLAKTFAY
RAGAIWCNNEVNRCVPFISYPAIFSSTLLPYEAAGLETTLEIIESADNRRQHLDRMARKLRIGLSQLGLTIRSESQIIGL
ETGDERNTEKVRDYLESNGVFGSVFCRPATSKNKNIIRLSLNSDVNDEQIAKIIEVCSDAVNYGDFYFRLPGG
;
_entity_poly.pdbx_strand_id   A,B
#
# COMPACT_ATOMS: atom_id res chain seq x y z
N PRO A 4 -17.72 16.21 17.63
CA PRO A 4 -16.57 17.12 17.52
C PRO A 4 -16.63 17.95 16.24
N GLN A 5 -17.14 19.18 16.30
CA GLN A 5 -17.31 19.99 15.09
C GLN A 5 -16.01 20.07 14.30
N LEU A 6 -16.02 19.52 13.08
CA LEU A 6 -14.88 19.67 12.19
C LEU A 6 -14.66 21.15 11.95
N PRO A 7 -13.39 21.54 11.73
CA PRO A 7 -13.10 22.91 11.27
C PRO A 7 -13.92 23.17 10.02
N ASP A 8 -14.14 24.43 9.69
CA ASP A 8 -14.89 24.76 8.49
C ASP A 8 -14.13 24.36 7.25
N PHE A 9 -12.80 24.44 7.28
CA PHE A 9 -12.01 24.10 6.09
C PHE A 9 -11.99 22.60 5.79
N ILE A 10 -12.76 21.85 6.55
CA ILE A 10 -12.96 20.42 6.32
C ILE A 10 -14.43 20.14 6.09
N GLN A 11 -15.26 20.67 6.98
CA GLN A 11 -16.69 20.43 6.95
C GLN A 11 -17.23 20.85 5.62
N ASN A 12 -16.59 21.88 5.08
CA ASN A 12 -17.04 22.49 3.83
C ASN A 12 -16.45 21.82 2.59
N LYS A 13 -15.32 21.14 2.75
CA LYS A 13 -14.78 20.35 1.66
C LYS A 13 -15.67 19.13 1.46
N ILE A 14 -15.94 18.45 2.57
CA ILE A 14 -16.80 17.28 2.55
C ILE A 14 -18.22 17.65 2.09
N ASP A 15 -18.77 18.73 2.64
CA ASP A 15 -20.13 19.11 2.29
C ASP A 15 -20.26 19.44 0.81
N HIS A 16 -19.22 20.02 0.23
CA HIS A 16 -19.25 20.28 -1.20
C HIS A 16 -19.07 19.01 -2.02
N TYR A 17 -18.19 18.12 -1.57
CA TYR A 17 -17.99 16.87 -2.30
C TYR A 17 -19.30 16.08 -2.31
N ILE A 18 -19.84 15.83 -1.13
CA ILE A 18 -21.04 15.04 -1.04
C ILE A 18 -22.06 15.48 -2.08
N GLU A 19 -22.15 16.79 -2.28
CA GLU A 19 -23.16 17.32 -3.17
C GLU A 19 -22.70 17.31 -4.62
N ASN A 20 -21.46 17.72 -4.87
CA ASN A 20 -20.92 17.79 -6.23
C ASN A 20 -20.53 16.41 -6.83
N TYR A 21 -20.82 15.33 -6.11
CA TYR A 21 -20.38 14.01 -6.55
C TYR A 21 -21.37 12.91 -6.20
N PHE A 22 -22.07 13.08 -5.08
CA PHE A 22 -23.08 12.11 -4.67
C PHE A 22 -24.49 12.62 -5.00
N ASP A 23 -24.81 13.81 -4.49
CA ASP A 23 -26.15 14.36 -4.61
C ASP A 23 -26.64 14.45 -6.06
N ILE A 24 -25.77 14.91 -6.96
CA ILE A 24 -26.10 15.11 -8.38
C ILE A 24 -26.60 13.88 -9.14
N ASN A 25 -26.23 12.68 -8.69
CA ASN A 25 -26.66 11.46 -9.35
C ASN A 25 -28.09 11.06 -8.97
N LYS A 26 -28.80 10.49 -9.94
CA LYS A 26 -30.19 10.09 -9.73
C LYS A 26 -30.32 9.24 -8.47
N ASN A 27 -29.42 8.26 -8.31
CA ASN A 27 -29.50 7.35 -7.17
C ASN A 27 -28.89 7.91 -5.88
N GLY A 28 -28.38 9.12 -5.95
CA GLY A 28 -27.78 9.76 -4.79
C GLY A 28 -26.41 9.20 -4.43
N LYS A 29 -26.01 8.16 -5.14
CA LYS A 29 -24.73 7.50 -4.90
C LYS A 29 -23.67 8.05 -5.85
N HIS A 30 -22.43 7.61 -5.69
CA HIS A 30 -21.35 8.05 -6.57
C HIS A 30 -21.60 7.49 -7.96
N LEU A 31 -20.97 8.08 -8.96
CA LEU A 31 -21.21 7.71 -10.36
C LEU A 31 -20.78 6.28 -10.70
N VAL A 32 -19.86 5.71 -9.93
CA VAL A 32 -19.42 4.34 -10.17
C VAL A 32 -20.41 3.31 -9.63
N LEU A 33 -21.36 3.76 -8.82
CA LEU A 33 -22.32 2.85 -8.19
C LEU A 33 -23.67 2.84 -8.91
N GLY A 34 -23.98 1.73 -9.56
CA GLY A 34 -25.25 1.54 -10.23
C GLY A 34 -26.23 0.79 -9.33
N LYS A 35 -26.92 -0.19 -9.90
CA LYS A 35 -27.84 -0.99 -9.10
C LYS A 35 -27.16 -2.30 -8.76
N GLN A 36 -27.79 -3.08 -7.88
CA GLN A 36 -27.21 -4.37 -7.49
C GLN A 36 -27.48 -5.42 -8.55
N ALA A 37 -26.47 -6.22 -8.86
CA ALA A 37 -26.59 -7.23 -9.90
C ALA A 37 -27.22 -8.54 -9.41
N SER A 38 -27.95 -9.18 -10.31
CA SER A 38 -28.55 -10.48 -10.08
C SER A 38 -27.66 -11.58 -10.63
N PRO A 39 -27.96 -12.84 -10.28
CA PRO A 39 -27.13 -13.95 -10.77
C PRO A 39 -27.18 -14.06 -12.29
N ASP A 40 -28.30 -13.73 -12.90
CA ASP A 40 -28.46 -13.86 -14.35
C ASP A 40 -27.55 -12.90 -15.11
N ASP A 41 -27.27 -11.76 -14.51
CA ASP A 41 -26.55 -10.70 -15.19
C ASP A 41 -25.13 -11.08 -15.59
N ILE A 42 -24.64 -10.43 -16.64
CA ILE A 42 -23.30 -10.68 -17.11
C ILE A 42 -22.37 -9.65 -16.48
N ILE A 43 -21.57 -10.12 -15.53
CA ILE A 43 -20.69 -9.21 -14.80
C ILE A 43 -19.32 -9.12 -15.45
N LEU A 44 -18.93 -7.90 -15.80
CA LEU A 44 -17.64 -7.66 -16.44
C LEU A 44 -16.91 -6.54 -15.71
N GLN A 45 -16.48 -6.79 -14.49
CA GLN A 45 -15.75 -5.79 -13.74
C GLN A 45 -14.46 -6.34 -13.16
N SER A 46 -14.34 -7.66 -13.10
CA SER A 46 -13.22 -8.27 -12.42
C SER A 46 -11.94 -8.17 -13.22
N ASN A 47 -10.80 -8.19 -12.53
CA ASN A 47 -9.51 -8.26 -13.24
C ASN A 47 -9.00 -9.68 -13.24
N ASP A 48 -9.85 -10.59 -12.76
CA ASP A 48 -9.52 -12.00 -12.70
C ASP A 48 -9.67 -12.59 -14.09
N TYR A 49 -8.78 -12.21 -14.99
CA TYR A 49 -8.91 -12.53 -16.41
C TYR A 49 -8.98 -14.04 -16.73
N LEU A 50 -8.22 -14.84 -15.99
CA LEU A 50 -8.23 -16.29 -16.14
C LEU A 50 -9.14 -17.01 -15.12
N ALA A 51 -9.99 -16.25 -14.43
CA ALA A 51 -10.98 -16.80 -13.52
C ALA A 51 -10.39 -17.65 -12.39
N LEU A 52 -9.32 -17.18 -11.76
CA LEU A 52 -8.59 -17.98 -10.77
C LEU A 52 -8.98 -17.73 -9.31
N ALA A 53 -9.88 -16.79 -9.07
CA ALA A 53 -10.20 -16.36 -7.71
C ALA A 53 -10.62 -17.50 -6.79
N ASN A 54 -11.58 -18.29 -7.24
CA ASN A 54 -12.12 -19.36 -6.43
C ASN A 54 -11.55 -20.71 -6.84
N HIS A 55 -10.27 -20.71 -7.15
CA HIS A 55 -9.59 -21.93 -7.56
C HIS A 55 -9.21 -22.76 -6.35
N PRO A 56 -9.56 -24.05 -6.38
CA PRO A 56 -9.41 -24.94 -5.23
C PRO A 56 -7.94 -25.18 -4.90
N LEU A 57 -7.15 -25.41 -5.94
CA LEU A 57 -5.74 -25.69 -5.74
C LEU A 57 -5.03 -24.50 -5.09
N ILE A 58 -5.39 -23.29 -5.50
CA ILE A 58 -4.80 -22.11 -4.91
C ILE A 58 -5.25 -22.00 -3.45
N LYS A 59 -6.56 -22.11 -3.21
CA LYS A 59 -7.14 -22.00 -1.88
C LYS A 59 -6.51 -23.01 -0.93
N ALA A 60 -6.29 -24.22 -1.46
CA ALA A 60 -5.68 -25.29 -0.68
C ALA A 60 -4.32 -24.87 -0.12
N ARG A 61 -3.46 -24.37 -0.99
CA ARG A 61 -2.08 -24.07 -0.62
C ARG A 61 -1.99 -22.86 0.28
N LEU A 62 -2.87 -21.88 0.04
CA LEU A 62 -2.94 -20.72 0.90
C LEU A 62 -3.26 -21.20 2.30
N ALA A 63 -4.35 -21.94 2.39
CA ALA A 63 -4.83 -22.43 3.68
C ALA A 63 -3.78 -23.34 4.30
N LYS A 64 -3.26 -24.25 3.50
CA LYS A 64 -2.30 -25.20 4.00
C LYS A 64 -1.11 -24.50 4.65
N SER A 65 -0.49 -23.57 3.92
CA SER A 65 0.70 -22.90 4.46
C SER A 65 0.32 -21.96 5.61
N LEU A 66 -0.87 -21.37 5.53
CA LEU A 66 -1.34 -20.52 6.62
C LEU A 66 -1.45 -21.30 7.92
N LEU A 67 -1.85 -22.56 7.83
CA LEU A 67 -2.02 -23.41 9.02
C LEU A 67 -0.72 -23.97 9.55
N GLU A 68 0.38 -23.75 8.83
CA GLU A 68 1.61 -24.45 9.18
C GLU A 68 2.31 -23.91 10.40
N GLU A 69 2.39 -22.59 10.52
CA GLU A 69 3.13 -22.01 11.62
C GLU A 69 3.16 -20.50 11.61
N GLN A 70 3.48 -19.93 12.77
CA GLN A 70 3.73 -18.52 12.90
C GLN A 70 5.17 -18.23 12.57
N GLN A 71 5.37 -17.12 11.90
CA GLN A 71 6.62 -16.41 12.03
C GLN A 71 6.15 -14.99 12.17
N SER A 72 6.25 -14.47 13.39
CA SER A 72 5.77 -13.13 13.68
C SER A 72 6.66 -12.12 12.93
N LEU A 73 6.46 -12.04 11.61
CA LEU A 73 7.25 -11.17 10.75
C LEU A 73 6.46 -9.93 10.36
N PHE A 74 5.70 -9.43 11.32
CA PHE A 74 5.03 -8.15 11.18
C PHE A 74 6.03 -7.04 11.45
N MET A 75 6.64 -6.61 10.34
CA MET A 75 7.70 -5.63 10.33
C MET A 75 7.91 -5.20 8.89
N SER A 76 8.71 -4.15 8.70
CA SER A 76 9.10 -3.69 7.37
C SER A 76 9.82 -4.79 6.59
N ALA A 77 9.61 -4.80 5.28
CA ALA A 77 10.29 -5.73 4.40
C ALA A 77 11.81 -5.47 4.32
N SER A 78 12.21 -4.26 4.67
CA SER A 78 13.64 -3.92 4.72
C SER A 78 14.40 -4.87 5.62
N PHE A 79 13.75 -5.28 6.72
CA PHE A 79 14.40 -6.14 7.71
C PHE A 79 14.59 -7.59 7.22
N LEU A 80 13.88 -7.97 6.17
CA LEU A 80 13.95 -9.34 5.69
C LEU A 80 14.58 -9.41 4.30
N GLN A 81 15.71 -8.74 4.13
CA GLN A 81 16.34 -8.69 2.83
C GLN A 81 17.59 -9.56 2.70
N ASN A 82 17.99 -10.20 3.80
CA ASN A 82 19.01 -11.24 3.71
C ASN A 82 18.54 -12.33 2.76
N ASP A 83 19.46 -12.99 2.09
CA ASP A 83 19.08 -13.91 1.02
C ASP A 83 18.30 -15.13 1.51
N TYR A 84 18.52 -15.50 2.77
CA TYR A 84 17.76 -16.58 3.36
C TYR A 84 16.36 -16.09 3.70
N ASP A 85 16.20 -14.78 3.80
CA ASP A 85 14.91 -14.19 4.15
C ASP A 85 14.01 -13.93 2.93
N LYS A 86 14.60 -13.96 1.74
CA LYS A 86 13.86 -13.63 0.53
C LYS A 86 13.17 -14.84 -0.12
N PRO A 87 11.86 -14.70 -0.40
CA PRO A 87 10.93 -15.76 -0.78
C PRO A 87 11.29 -16.38 -2.13
N MET A 88 11.07 -17.67 -2.31
CA MET A 88 11.43 -18.33 -3.57
C MET A 88 10.48 -17.93 -4.69
N ILE A 89 9.34 -17.33 -4.32
CA ILE A 89 8.44 -16.81 -5.35
C ILE A 89 9.13 -15.73 -6.18
N GLU A 90 10.03 -14.96 -5.57
CA GLU A 90 10.70 -13.90 -6.32
C GLU A 90 11.60 -14.49 -7.41
N LYS A 91 12.34 -15.52 -7.02
CA LYS A 91 13.24 -16.18 -7.93
C LYS A 91 12.43 -16.90 -9.02
N ARG A 92 11.27 -17.46 -8.65
CA ARG A 92 10.38 -18.13 -9.62
C ARG A 92 9.78 -17.12 -10.61
N LEU A 93 9.29 -16.00 -10.09
CA LEU A 93 8.82 -14.92 -10.95
C LEU A 93 9.92 -14.38 -11.86
N ALA A 94 11.12 -14.16 -11.33
CA ALA A 94 12.20 -13.70 -12.18
C ALA A 94 12.33 -14.61 -13.40
N LYS A 95 12.47 -15.91 -13.17
CA LYS A 95 12.68 -16.89 -14.23
C LYS A 95 11.47 -16.95 -15.17
N PHE A 96 10.30 -16.77 -14.58
CA PHE A 96 9.06 -16.79 -15.33
C PHE A 96 8.98 -15.72 -16.41
N THR A 97 9.50 -14.53 -16.12
CA THR A 97 9.42 -13.44 -17.08
C THR A 97 10.71 -13.23 -17.86
N GLY A 98 11.82 -13.74 -17.33
CA GLY A 98 13.08 -13.61 -18.02
C GLY A 98 13.94 -12.49 -17.47
N PHE A 99 13.43 -11.75 -16.48
CA PHE A 99 14.24 -10.70 -15.85
C PHE A 99 15.21 -11.28 -14.85
N ASP A 100 16.32 -10.60 -14.62
CA ASP A 100 17.34 -11.09 -13.69
C ASP A 100 16.80 -11.18 -12.29
N GLU A 101 16.01 -10.17 -11.90
CA GLU A 101 15.64 -10.02 -10.51
C GLU A 101 14.19 -9.65 -10.35
N CYS A 102 13.50 -10.33 -9.45
CA CYS A 102 12.17 -9.89 -9.05
C CYS A 102 12.15 -9.47 -7.58
N LEU A 103 11.30 -8.52 -7.24
CA LEU A 103 11.11 -8.12 -5.85
C LEU A 103 9.64 -7.92 -5.52
N LEU A 104 9.23 -8.47 -4.37
CA LEU A 104 7.83 -8.46 -4.00
C LEU A 104 7.41 -7.17 -3.29
N SER A 105 6.18 -6.74 -3.57
CA SER A 105 5.65 -5.50 -3.02
C SER A 105 4.22 -5.73 -2.57
N GLN A 106 3.70 -4.85 -1.73
CA GLN A 106 2.37 -5.06 -1.14
C GLN A 106 1.24 -4.80 -2.12
N SER A 107 1.53 -4.18 -3.25
CA SER A 107 0.51 -3.93 -4.26
C SER A 107 1.16 -3.46 -5.54
N GLY A 108 0.37 -3.38 -6.61
CA GLY A 108 0.85 -2.82 -7.87
C GLY A 108 1.24 -1.36 -7.68
N TRP A 109 0.39 -0.61 -7.00
CA TRP A 109 0.63 0.79 -6.74
C TRP A 109 2.01 1.00 -6.08
N ASN A 110 2.25 0.30 -4.98
CA ASN A 110 3.56 0.37 -4.33
C ASN A 110 4.72 -0.03 -5.21
N ALA A 111 4.54 -1.07 -6.00
CA ALA A 111 5.59 -1.50 -6.88
C ALA A 111 6.05 -0.31 -7.69
N ASN A 112 5.08 0.45 -8.23
CA ASN A 112 5.37 1.57 -9.12
C ASN A 112 5.96 2.81 -8.43
N VAL A 113 5.34 3.19 -7.33
CA VAL A 113 5.86 4.25 -6.48
C VAL A 113 7.27 3.95 -5.94
N GLY A 114 7.45 2.77 -5.37
CA GLY A 114 8.74 2.38 -4.83
C GLY A 114 9.87 2.43 -5.84
N LEU A 115 9.62 1.88 -7.02
CA LEU A 115 10.63 1.84 -8.09
C LEU A 115 10.98 3.23 -8.63
N LEU A 116 9.99 4.10 -8.79
CA LEU A 116 10.21 5.46 -9.27
C LEU A 116 11.00 6.28 -8.26
N GLN A 117 10.72 6.04 -6.97
CA GLN A 117 11.44 6.71 -5.88
C GLN A 117 12.91 6.33 -5.92
N THR A 118 13.17 5.08 -6.30
CA THR A 118 14.50 4.55 -6.23
C THR A 118 15.36 4.97 -7.41
N ILE A 119 14.76 5.03 -8.59
CA ILE A 119 15.56 5.35 -9.76
C ILE A 119 15.60 6.85 -10.03
N CYS A 120 14.69 7.61 -9.41
CA CYS A 120 14.56 9.03 -9.73
C CYS A 120 15.31 10.01 -8.85
N GLN A 121 15.79 11.06 -9.48
CA GLN A 121 16.22 12.28 -8.83
C GLN A 121 15.20 13.36 -9.20
N PRO A 122 15.06 14.39 -8.37
CA PRO A 122 14.14 15.50 -8.65
C PRO A 122 14.30 16.09 -10.07
N ASN A 123 15.51 16.09 -10.60
CA ASN A 123 15.71 16.65 -11.93
C ASN A 123 15.31 15.67 -13.03
N THR A 124 15.12 14.41 -12.66
CA THR A 124 15.03 13.32 -13.63
C THR A 124 13.87 13.43 -14.63
N ASN A 125 14.19 13.30 -15.91
CA ASN A 125 13.20 13.29 -16.97
C ASN A 125 12.39 12.01 -16.98
N VAL A 126 11.06 12.16 -16.97
CA VAL A 126 10.17 11.01 -16.97
C VAL A 126 9.16 11.14 -18.10
N TYR A 127 9.36 10.37 -19.16
CA TYR A 127 8.47 10.45 -20.31
C TYR A 127 7.38 9.43 -20.16
N ILE A 128 6.18 9.90 -19.87
CA ILE A 128 5.14 9.01 -19.47
C ILE A 128 3.97 9.11 -20.42
N ASP A 129 3.33 7.97 -20.69
CA ASP A 129 2.18 7.95 -21.58
C ASP A 129 1.06 8.71 -20.90
N PHE A 130 0.37 9.56 -21.66
CA PHE A 130 -0.76 10.29 -21.10
C PHE A 130 -1.67 9.34 -20.34
N PHE A 131 -1.84 8.12 -20.85
CA PHE A 131 -2.82 7.22 -20.25
C PHE A 131 -2.23 6.17 -19.29
N ALA A 132 -0.92 6.23 -19.05
CA ALA A 132 -0.27 5.32 -18.08
C ALA A 132 -0.98 5.35 -16.73
N HIS A 133 -0.91 4.25 -15.98
CA HIS A 133 -1.65 4.17 -14.72
C HIS A 133 -1.29 5.29 -13.75
N MET A 134 -2.29 5.77 -13.00
CA MET A 134 -2.06 6.84 -12.01
C MET A 134 -0.86 6.59 -11.11
N SER A 135 -0.65 5.34 -10.74
CA SER A 135 0.43 5.02 -9.81
C SER A 135 1.81 5.38 -10.38
N LEU A 136 1.89 5.47 -11.70
CA LEU A 136 3.13 5.87 -12.34
C LEU A 136 3.31 7.39 -12.31
N TRP A 137 2.21 8.12 -12.55
CA TRP A 137 2.22 9.56 -12.40
C TRP A 137 2.56 9.95 -10.96
N GLU A 138 1.80 9.42 -10.00
CA GLU A 138 2.04 9.76 -8.60
C GLU A 138 3.46 9.37 -8.14
N GLY A 139 4.00 8.27 -8.64
CA GLY A 139 5.35 7.88 -8.28
C GLY A 139 6.31 8.98 -8.70
N ALA A 140 6.25 9.31 -9.98
CA ALA A 140 7.02 10.40 -10.53
C ALA A 140 6.85 11.65 -9.66
N ARG A 141 5.62 12.08 -9.50
CA ARG A 141 5.33 13.31 -8.80
C ARG A 141 5.88 13.28 -7.39
N TYR A 142 5.90 12.09 -6.78
CA TYR A 142 6.42 11.93 -5.43
C TYR A 142 7.94 12.02 -5.39
N ALA A 143 8.59 11.66 -6.49
CA ALA A 143 10.05 11.69 -6.58
C ALA A 143 10.51 13.07 -7.00
N ASN A 144 9.52 13.93 -7.28
CA ASN A 144 9.76 15.29 -7.73
C ASN A 144 10.44 15.35 -9.10
N ALA A 145 10.20 14.34 -9.91
CA ALA A 145 10.86 14.22 -11.19
C ALA A 145 10.29 15.18 -12.22
N GLN A 146 11.02 15.35 -13.32
CA GLN A 146 10.55 16.17 -14.39
C GLN A 146 9.68 15.34 -15.32
N ALA A 147 8.37 15.34 -15.07
CA ALA A 147 7.44 14.58 -15.90
C ALA A 147 7.19 15.28 -17.24
N HIS A 148 7.18 14.48 -18.31
CA HIS A 148 6.88 14.95 -19.65
C HIS A 148 5.90 13.99 -20.27
N PRO A 149 4.61 14.36 -20.32
CA PRO A 149 3.60 13.46 -20.86
C PRO A 149 3.72 13.43 -22.37
N PHE A 150 3.40 12.31 -22.99
CA PHE A 150 3.32 12.27 -24.46
C PHE A 150 1.98 11.66 -24.87
N MET A 151 1.53 11.98 -26.08
CA MET A 151 0.23 11.50 -26.53
C MET A 151 0.20 9.98 -26.55
N HIS A 152 -0.96 9.44 -26.21
CA HIS A 152 -1.16 8.02 -26.06
C HIS A 152 -0.58 7.25 -27.24
N ASN A 153 0.45 6.45 -26.95
CA ASN A 153 1.06 5.55 -27.93
C ASN A 153 1.68 6.23 -29.14
N ASN A 154 2.13 7.47 -28.96
CA ASN A 154 2.65 8.26 -30.06
C ASN A 154 4.16 8.33 -29.98
N CYS A 155 4.84 7.54 -30.80
CA CYS A 155 6.30 7.50 -30.70
C CYS A 155 6.92 8.77 -31.25
N ASP A 156 6.23 9.40 -32.17
CA ASP A 156 6.68 10.66 -32.71
C ASP A 156 6.70 11.74 -31.64
N HIS A 157 5.56 11.95 -30.99
CA HIS A 157 5.53 12.93 -29.91
C HIS A 157 6.63 12.63 -28.89
N LEU A 158 6.82 11.35 -28.58
CA LEU A 158 7.84 10.94 -27.61
C LEU A 158 9.27 11.32 -28.02
N ARG A 159 9.61 11.07 -29.27
CA ARG A 159 10.95 11.36 -29.78
C ARG A 159 11.31 12.83 -29.58
N MET A 160 10.39 13.70 -29.95
CA MET A 160 10.59 15.13 -29.81
C MET A 160 10.83 15.53 -28.37
N LEU A 161 10.11 14.92 -27.44
CA LEU A 161 10.29 15.27 -26.03
C LEU A 161 11.69 14.93 -25.58
N ILE A 162 12.14 13.71 -25.88
CA ILE A 162 13.45 13.25 -25.44
C ILE A 162 14.49 14.12 -26.14
N GLN A 163 14.29 14.24 -27.46
CA GLN A 163 15.03 15.20 -28.27
C GLN A 163 15.23 16.53 -27.55
N ARG A 164 14.13 17.09 -27.05
CA ARG A 164 14.11 18.39 -26.39
C ARG A 164 14.66 18.38 -24.95
N HIS A 165 14.28 17.39 -24.14
CA HIS A 165 14.62 17.45 -22.71
C HIS A 165 15.79 16.56 -22.25
N GLY A 166 16.23 15.63 -23.08
CA GLY A 166 17.36 14.79 -22.72
C GLY A 166 16.94 13.38 -22.34
N PRO A 167 17.93 12.54 -21.99
CA PRO A 167 17.69 11.17 -21.58
C PRO A 167 16.85 11.15 -20.32
N GLY A 168 16.15 10.03 -20.08
CA GLY A 168 15.23 9.92 -18.97
C GLY A 168 14.49 8.59 -18.96
N ILE A 169 13.50 8.49 -18.09
CA ILE A 169 12.76 7.24 -17.98
C ILE A 169 11.46 7.26 -18.80
N ILE A 170 11.33 6.29 -19.71
CA ILE A 170 10.11 6.12 -20.48
C ILE A 170 9.22 5.14 -19.72
N VAL A 171 7.97 5.54 -19.52
CA VAL A 171 7.06 4.78 -18.66
C VAL A 171 5.77 4.52 -19.41
N VAL A 172 5.37 3.25 -19.45
CA VAL A 172 4.14 2.87 -20.15
C VAL A 172 3.45 1.67 -19.52
N ASP A 173 2.17 1.52 -19.83
CA ASP A 173 1.46 0.27 -19.55
C ASP A 173 1.65 -0.54 -20.83
N SER A 174 1.83 -1.84 -20.71
CA SER A 174 1.79 -2.67 -21.90
C SER A 174 0.37 -2.61 -22.45
N ILE A 175 -0.61 -2.93 -21.61
CA ILE A 175 -2.00 -2.82 -21.98
C ILE A 175 -2.65 -1.81 -21.05
N TYR A 176 -3.19 -0.74 -21.61
CA TYR A 176 -3.70 0.34 -20.77
C TYR A 176 -5.02 -0.07 -20.13
N SER A 177 -5.15 0.25 -18.85
CA SER A 177 -6.24 -0.27 -18.02
C SER A 177 -7.63 0.30 -18.32
N THR A 178 -7.70 1.43 -19.02
CA THR A 178 -8.99 2.04 -19.36
C THR A 178 -9.42 1.77 -20.80
N LEU A 179 -8.51 1.94 -21.75
CA LEU A 179 -8.86 1.79 -23.17
C LEU A 179 -8.67 0.37 -23.66
N GLY A 180 -7.77 -0.35 -22.99
CA GLY A 180 -7.42 -1.70 -23.41
C GLY A 180 -6.51 -1.72 -24.63
N THR A 181 -5.86 -0.59 -24.91
CA THR A 181 -4.94 -0.53 -26.04
C THR A 181 -3.58 -1.12 -25.67
N ILE A 182 -2.81 -1.50 -26.69
CA ILE A 182 -1.50 -2.08 -26.49
C ILE A 182 -0.42 -1.08 -26.89
N ALA A 183 0.55 -0.86 -26.00
CA ALA A 183 1.63 0.07 -26.32
C ALA A 183 2.42 -0.49 -27.50
N PRO A 184 3.17 0.38 -28.21
CA PRO A 184 4.03 -0.08 -29.30
C PRO A 184 5.39 -0.41 -28.74
N LEU A 185 5.47 -1.55 -28.06
CA LEU A 185 6.66 -1.86 -27.25
C LEU A 185 7.96 -1.96 -28.05
N ALA A 186 7.89 -2.53 -29.25
CA ALA A 186 9.11 -2.75 -30.02
C ALA A 186 9.71 -1.40 -30.31
N GLU A 187 8.87 -0.49 -30.80
CA GLU A 187 9.35 0.83 -31.16
C GLU A 187 9.94 1.57 -29.94
N LEU A 188 9.19 1.59 -28.84
CA LEU A 188 9.68 2.22 -27.63
C LEU A 188 11.04 1.69 -27.19
N VAL A 189 11.25 0.38 -27.34
CA VAL A 189 12.56 -0.19 -27.03
C VAL A 189 13.64 0.51 -27.84
N ASN A 190 13.43 0.55 -29.16
CA ASN A 190 14.33 1.21 -30.10
C ASN A 190 14.60 2.67 -29.77
N ILE A 191 13.53 3.41 -29.47
CA ILE A 191 13.63 4.80 -29.08
C ILE A 191 14.47 4.90 -27.82
N SER A 192 14.21 4.00 -26.88
CA SER A 192 15.00 3.94 -25.67
C SER A 192 16.49 3.80 -26.00
N LYS A 193 16.81 3.04 -27.05
CA LYS A 193 18.20 2.82 -27.42
C LYS A 193 18.73 4.02 -28.23
N GLU A 194 17.86 4.57 -29.07
CA GLU A 194 18.21 5.71 -29.91
C GLU A 194 18.45 7.00 -29.13
N PHE A 195 18.31 6.95 -27.80
CA PHE A 195 18.48 8.16 -26.99
C PHE A 195 19.13 7.96 -25.64
N GLY A 196 19.51 6.73 -25.32
CA GLY A 196 20.11 6.44 -24.02
C GLY A 196 19.16 6.57 -22.84
N CYS A 197 17.92 6.09 -22.98
CA CYS A 197 16.95 6.11 -21.89
C CYS A 197 16.74 4.73 -21.22
N ALA A 198 16.05 4.74 -20.09
CA ALA A 198 15.62 3.50 -19.47
C ALA A 198 14.15 3.30 -19.74
N LEU A 199 13.78 2.03 -19.88
CA LEU A 199 12.42 1.65 -20.18
C LEU A 199 11.76 0.98 -18.98
N LEU A 200 10.54 1.40 -18.67
CA LEU A 200 9.78 0.79 -17.60
C LEU A 200 8.38 0.46 -18.12
N VAL A 201 8.02 -0.82 -18.08
CA VAL A 201 6.74 -1.26 -18.56
C VAL A 201 5.93 -1.86 -17.43
N ASP A 202 4.71 -1.41 -17.30
CA ASP A 202 3.79 -1.97 -16.32
C ASP A 202 2.93 -3.01 -17.04
N GLU A 203 3.17 -4.29 -16.77
CA GLU A 203 2.44 -5.36 -17.47
C GLU A 203 1.26 -5.91 -16.68
N SER A 204 0.71 -5.11 -15.79
CA SER A 204 -0.41 -5.55 -14.95
C SER A 204 -1.50 -6.30 -15.72
N HIS A 205 -1.78 -5.85 -16.94
CA HIS A 205 -2.90 -6.37 -17.71
C HIS A 205 -2.52 -7.28 -18.86
N SER A 206 -1.25 -7.70 -18.88
CA SER A 206 -0.72 -8.55 -19.92
C SER A 206 0.04 -9.74 -19.32
N LEU A 207 0.46 -9.56 -18.07
CA LEU A 207 1.17 -10.61 -17.38
C LEU A 207 0.17 -11.71 -17.13
N GLY A 208 0.53 -12.94 -17.52
CA GLY A 208 -0.35 -14.08 -17.33
C GLY A 208 -1.43 -14.31 -18.37
N THR A 209 -1.91 -13.25 -19.00
CA THR A 209 -2.89 -13.39 -20.07
C THR A 209 -2.19 -13.46 -21.42
N HIS A 210 -0.93 -13.07 -21.44
CA HIS A 210 -0.21 -12.91 -22.69
C HIS A 210 1.16 -13.59 -22.67
N GLY A 211 1.67 -13.89 -23.86
CA GLY A 211 3.02 -14.40 -23.99
C GLY A 211 3.11 -15.90 -23.76
N PRO A 212 4.29 -16.48 -24.00
CA PRO A 212 4.52 -17.91 -23.77
C PRO A 212 4.27 -18.31 -22.31
N ASN A 213 3.25 -19.10 -22.08
CA ASN A 213 2.89 -19.53 -20.72
C ASN A 213 2.43 -18.37 -19.85
N GLY A 214 2.00 -17.29 -20.48
CA GLY A 214 1.54 -16.12 -19.75
C GLY A 214 2.69 -15.30 -19.19
N ALA A 215 3.88 -15.50 -19.74
CA ALA A 215 5.07 -14.78 -19.29
C ALA A 215 5.01 -13.27 -19.59
N GLY A 216 4.01 -12.85 -20.36
CA GLY A 216 3.74 -11.44 -20.63
C GLY A 216 4.00 -11.00 -22.07
N LEU A 217 3.73 -9.72 -22.34
CA LEU A 217 3.93 -9.13 -23.67
C LEU A 217 5.39 -8.94 -24.11
N LEU A 218 6.23 -8.44 -23.20
CA LEU A 218 7.64 -8.33 -23.50
C LEU A 218 8.18 -9.70 -23.93
N ALA A 219 7.78 -10.74 -23.21
CA ALA A 219 8.26 -12.07 -23.49
C ALA A 219 7.72 -12.57 -24.83
N GLU A 220 6.48 -12.19 -25.14
CA GLU A 220 5.91 -12.57 -26.42
C GLU A 220 6.68 -11.99 -27.60
N LEU A 221 7.27 -10.82 -27.41
CA LEU A 221 7.90 -10.08 -28.50
C LEU A 221 9.42 -10.22 -28.52
N GLY A 222 9.97 -10.88 -27.51
CA GLY A 222 11.40 -11.10 -27.45
C GLY A 222 12.16 -9.88 -26.99
N LEU A 223 11.48 -9.01 -26.25
CA LEU A 223 12.04 -7.72 -25.83
C LEU A 223 12.69 -7.78 -24.45
N THR A 224 12.32 -8.80 -23.70
CA THR A 224 12.71 -8.96 -22.30
C THR A 224 14.14 -8.50 -21.97
N ARG A 225 15.09 -8.79 -22.85
CA ARG A 225 16.48 -8.44 -22.59
C ARG A 225 16.77 -6.97 -22.87
N GLU A 226 15.88 -6.33 -23.62
CA GLU A 226 16.10 -4.95 -24.05
C GLU A 226 15.54 -3.93 -23.05
N VAL A 227 14.76 -4.40 -22.09
CA VAL A 227 14.03 -3.53 -21.16
C VAL A 227 14.64 -3.52 -19.76
N HIS A 228 14.72 -2.36 -19.14
CA HIS A 228 15.38 -2.26 -17.83
C HIS A 228 14.47 -2.69 -16.69
N PHE A 229 13.17 -2.54 -16.87
CA PHE A 229 12.24 -2.64 -15.76
C PHE A 229 10.86 -3.09 -16.18
N MET A 230 10.26 -3.96 -15.38
CA MET A 230 8.83 -4.20 -15.52
C MET A 230 8.18 -4.32 -14.14
N THR A 231 6.94 -3.85 -14.06
CA THR A 231 6.17 -3.97 -12.84
C THR A 231 4.83 -4.59 -13.15
N ALA A 232 4.23 -5.20 -12.14
CA ALA A 232 2.84 -5.61 -12.27
C ALA A 232 2.09 -5.57 -10.94
N SER A 233 0.81 -5.25 -11.03
CA SER A 233 -0.10 -5.65 -9.98
C SER A 233 -0.23 -7.16 -10.10
N LEU A 234 -0.25 -7.86 -8.97
CA LEU A 234 -0.57 -9.28 -8.97
C LEU A 234 -2.02 -9.44 -8.60
N ALA A 235 -2.73 -8.33 -8.55
CA ALA A 235 -4.14 -8.33 -8.17
C ALA A 235 -5.05 -8.45 -9.38
N LYS A 236 -4.47 -8.78 -10.54
CA LYS A 236 -5.26 -9.03 -11.75
C LYS A 236 -5.29 -10.52 -12.07
N THR A 237 -4.61 -10.89 -13.14
CA THR A 237 -4.57 -12.30 -13.54
C THR A 237 -4.07 -13.21 -12.44
N PHE A 238 -3.10 -12.76 -11.64
CA PHE A 238 -2.65 -13.51 -10.46
C PHE A 238 -3.62 -13.47 -9.30
N ALA A 239 -4.63 -12.59 -9.39
CA ALA A 239 -5.71 -12.53 -8.39
C ALA A 239 -5.21 -12.52 -6.95
N TYR A 240 -4.24 -11.65 -6.64
CA TYR A 240 -3.76 -11.53 -5.26
C TYR A 240 -3.31 -10.13 -4.89
N ARG A 241 -3.62 -9.70 -3.66
CA ARG A 241 -3.29 -8.34 -3.24
C ARG A 241 -1.80 -8.14 -3.00
N ALA A 242 -1.05 -7.88 -4.06
CA ALA A 242 0.40 -7.71 -4.00
C ALA A 242 0.92 -7.23 -5.35
N GLY A 243 2.15 -6.78 -5.38
CA GLY A 243 2.77 -6.37 -6.63
C GLY A 243 4.20 -6.84 -6.71
N ALA A 244 4.83 -6.67 -7.87
CA ALA A 244 6.21 -7.04 -8.01
C ALA A 244 6.96 -6.08 -8.91
N ILE A 245 8.28 -6.06 -8.76
CA ILE A 245 9.14 -5.20 -9.55
C ILE A 245 10.18 -6.12 -10.15
N TRP A 246 10.38 -6.04 -11.46
CA TRP A 246 11.43 -6.83 -12.10
C TRP A 246 12.53 -5.93 -12.64
N CYS A 247 13.77 -6.32 -12.40
CA CYS A 247 14.93 -5.59 -12.94
C CYS A 247 15.87 -6.49 -13.70
N ASN A 248 16.31 -6.02 -14.86
CA ASN A 248 17.46 -6.60 -15.53
C ASN A 248 18.71 -5.84 -15.12
N ASN A 249 18.83 -5.61 -13.83
CA ASN A 249 19.97 -4.90 -13.29
C ASN A 249 19.92 -5.06 -11.79
N GLU A 250 20.70 -4.26 -11.06
CA GLU A 250 20.87 -4.44 -9.62
C GLU A 250 19.98 -3.49 -8.79
N VAL A 251 19.08 -2.78 -9.46
CA VAL A 251 18.16 -1.87 -8.77
C VAL A 251 17.35 -2.53 -7.63
N ASN A 252 16.88 -3.77 -7.83
CA ASN A 252 16.16 -4.47 -6.76
C ASN A 252 17.01 -4.66 -5.50
N ARG A 253 18.32 -4.58 -5.60
CA ARG A 253 19.12 -4.57 -4.37
C ARG A 253 18.77 -3.35 -3.51
N CYS A 254 18.40 -2.23 -4.14
CA CYS A 254 18.22 -0.96 -3.42
C CYS A 254 16.77 -0.54 -3.08
N VAL A 255 15.81 -0.85 -3.96
CA VAL A 255 14.42 -0.56 -3.68
C VAL A 255 13.98 -0.87 -2.24
N PRO A 256 14.32 -2.06 -1.74
CA PRO A 256 13.81 -2.43 -0.40
C PRO A 256 14.28 -1.47 0.69
N PHE A 257 15.21 -0.56 0.39
CA PHE A 257 15.75 0.33 1.42
C PHE A 257 15.52 1.81 1.16
N ILE A 258 14.90 2.13 0.04
CA ILE A 258 14.74 3.51 -0.35
C ILE A 258 13.27 3.85 -0.55
N SER A 259 12.52 2.87 -1.04
CA SER A 259 11.09 3.04 -1.25
C SER A 259 10.38 3.23 0.07
N TYR A 260 9.71 4.36 0.22
CA TYR A 260 8.97 4.63 1.44
C TYR A 260 7.90 3.57 1.71
N PRO A 261 7.04 3.26 0.72
CA PRO A 261 6.10 2.16 0.89
C PRO A 261 6.77 0.88 1.38
N ALA A 262 7.95 0.56 0.84
CA ALA A 262 8.60 -0.71 1.16
C ALA A 262 9.29 -0.67 2.53
N ILE A 263 9.58 0.54 3.01
CA ILE A 263 10.23 0.70 4.30
C ILE A 263 9.21 0.82 5.43
N PHE A 264 8.27 1.75 5.29
CA PHE A 264 7.33 2.13 6.33
C PHE A 264 5.94 1.48 6.27
N SER A 265 5.82 0.39 5.52
CA SER A 265 4.59 -0.38 5.53
C SER A 265 4.90 -1.87 5.55
N SER A 266 4.08 -2.63 6.28
CA SER A 266 4.32 -4.05 6.51
C SER A 266 4.38 -4.94 5.25
N THR A 267 5.18 -6.00 5.37
CA THR A 267 5.47 -6.89 4.25
C THR A 267 4.40 -7.97 4.13
N LEU A 268 4.33 -8.64 2.97
CA LEU A 268 3.52 -9.85 2.81
C LEU A 268 3.99 -10.91 3.79
N LEU A 269 3.05 -11.63 4.40
CA LEU A 269 3.40 -12.78 5.21
C LEU A 269 3.97 -13.87 4.29
N PRO A 270 4.84 -14.72 4.83
CA PRO A 270 5.46 -15.78 4.03
C PRO A 270 4.44 -16.73 3.42
N TYR A 271 3.26 -16.84 4.03
CA TYR A 271 2.25 -17.76 3.52
C TYR A 271 1.56 -17.22 2.28
N GLU A 272 1.62 -15.91 2.10
CA GLU A 272 1.08 -15.30 0.89
C GLU A 272 2.02 -15.64 -0.26
N ALA A 273 3.32 -15.60 0.01
CA ALA A 273 4.32 -15.98 -0.98
C ALA A 273 4.05 -17.38 -1.49
N ALA A 274 3.88 -18.31 -0.55
CA ALA A 274 3.63 -19.70 -0.90
C ALA A 274 2.39 -19.82 -1.78
N GLY A 275 1.42 -18.95 -1.51
CA GLY A 275 0.18 -19.00 -2.24
C GLY A 275 0.42 -18.63 -3.69
N LEU A 276 1.12 -17.53 -3.90
CA LEU A 276 1.41 -17.04 -5.23
C LEU A 276 2.08 -18.13 -6.06
N GLU A 277 2.93 -18.93 -5.42
CA GLU A 277 3.66 -20.00 -6.11
C GLU A 277 2.72 -20.94 -6.86
N THR A 278 1.68 -21.39 -6.17
CA THR A 278 0.71 -22.29 -6.78
C THR A 278 0.03 -21.59 -7.95
N THR A 279 -0.29 -20.31 -7.77
CA THR A 279 -0.93 -19.52 -8.82
C THR A 279 -0.04 -19.40 -10.04
N LEU A 280 1.24 -19.21 -9.80
CA LEU A 280 2.19 -19.13 -10.90
C LEU A 280 2.11 -20.43 -11.72
N GLU A 281 2.09 -21.58 -11.04
CA GLU A 281 2.03 -22.85 -11.75
C GLU A 281 0.73 -22.97 -12.54
N ILE A 282 -0.39 -22.68 -11.88
CA ILE A 282 -1.67 -22.72 -12.56
C ILE A 282 -1.57 -21.90 -13.84
N ILE A 283 -1.18 -20.65 -13.70
CA ILE A 283 -1.06 -19.75 -14.85
C ILE A 283 -0.07 -20.27 -15.88
N GLU A 284 1.08 -20.75 -15.44
CA GLU A 284 2.01 -21.32 -16.41
C GLU A 284 1.28 -22.30 -17.27
N SER A 285 0.36 -23.05 -16.67
CA SER A 285 -0.33 -24.12 -17.38
C SER A 285 -1.60 -23.72 -18.13
N ALA A 286 -2.09 -22.50 -17.95
CA ALA A 286 -3.43 -22.15 -18.46
C ALA A 286 -3.54 -21.71 -19.94
N ASP A 287 -2.82 -22.38 -20.82
CA ASP A 287 -2.88 -22.06 -22.24
C ASP A 287 -4.32 -22.09 -22.71
N ASN A 288 -5.06 -23.09 -22.27
CA ASN A 288 -6.48 -23.24 -22.58
C ASN A 288 -7.30 -21.96 -22.33
N ARG A 289 -7.30 -21.51 -21.07
CA ARG A 289 -8.03 -20.30 -20.66
C ARG A 289 -7.59 -19.03 -21.40
N ARG A 290 -6.33 -18.99 -21.80
CA ARG A 290 -5.81 -17.85 -22.55
C ARG A 290 -6.43 -17.80 -23.92
N GLN A 291 -6.23 -18.88 -24.67
CA GLN A 291 -6.67 -18.93 -26.04
C GLN A 291 -8.14 -18.55 -26.05
N HIS A 292 -8.87 -19.10 -25.11
CA HIS A 292 -10.30 -18.82 -25.03
C HIS A 292 -10.57 -17.32 -24.89
N LEU A 293 -10.01 -16.71 -23.85
CA LEU A 293 -10.13 -15.28 -23.61
C LEU A 293 -9.79 -14.47 -24.86
N ASP A 294 -8.63 -14.78 -25.44
CA ASP A 294 -8.20 -14.05 -26.62
C ASP A 294 -9.30 -14.05 -27.67
N ARG A 295 -9.77 -15.22 -28.04
CA ARG A 295 -10.82 -15.35 -29.05
C ARG A 295 -12.09 -14.57 -28.69
N MET A 296 -12.58 -14.74 -27.46
CA MET A 296 -13.78 -14.03 -27.01
C MET A 296 -13.65 -12.51 -27.09
N ALA A 297 -12.48 -11.99 -26.73
CA ALA A 297 -12.23 -10.56 -26.77
C ALA A 297 -12.31 -10.06 -28.21
N ARG A 298 -11.80 -10.89 -29.13
CA ARG A 298 -11.82 -10.53 -30.53
C ARG A 298 -13.25 -10.47 -31.07
N LYS A 299 -14.08 -11.43 -30.68
CA LYS A 299 -15.48 -11.41 -31.09
C LYS A 299 -16.16 -10.15 -30.61
N LEU A 300 -15.89 -9.77 -29.37
CA LEU A 300 -16.56 -8.62 -28.78
C LEU A 300 -16.13 -7.33 -29.46
N ARG A 301 -14.84 -7.24 -29.75
CA ARG A 301 -14.26 -6.05 -30.37
C ARG A 301 -14.84 -5.79 -31.76
N ILE A 302 -14.83 -6.84 -32.58
CA ILE A 302 -15.42 -6.80 -33.91
C ILE A 302 -16.90 -6.50 -33.81
N GLY A 303 -17.57 -7.22 -32.91
CA GLY A 303 -19.00 -7.09 -32.77
C GLY A 303 -19.38 -5.65 -32.54
N LEU A 304 -18.63 -5.00 -31.67
CA LEU A 304 -18.92 -3.62 -31.29
C LEU A 304 -18.46 -2.59 -32.34
N SER A 305 -17.24 -2.75 -32.85
CA SER A 305 -16.76 -1.91 -33.94
C SER A 305 -17.78 -1.85 -35.09
N GLN A 306 -18.36 -3.01 -35.43
CA GLN A 306 -19.35 -3.08 -36.50
C GLN A 306 -20.60 -2.32 -36.15
N LEU A 307 -20.75 -1.98 -34.88
CA LEU A 307 -21.88 -1.17 -34.45
C LEU A 307 -21.59 0.32 -34.64
N GLY A 308 -20.36 0.64 -35.03
CA GLY A 308 -19.96 2.03 -35.24
C GLY A 308 -19.35 2.71 -34.02
N LEU A 309 -19.35 2.00 -32.89
CA LEU A 309 -18.76 2.49 -31.65
C LEU A 309 -17.25 2.58 -31.75
N THR A 310 -16.68 3.62 -31.16
CA THR A 310 -15.23 3.69 -31.00
C THR A 310 -14.79 2.57 -30.07
N ILE A 311 -13.98 1.66 -30.58
CA ILE A 311 -13.48 0.57 -29.78
C ILE A 311 -11.97 0.54 -29.90
N ARG A 312 -11.30 1.36 -29.10
CA ARG A 312 -9.86 1.50 -29.27
C ARG A 312 -9.15 0.22 -28.89
N SER A 313 -9.76 -0.54 -27.98
CA SER A 313 -9.11 -1.71 -27.42
C SER A 313 -8.56 -2.69 -28.45
N GLU A 314 -7.54 -3.43 -28.04
CA GLU A 314 -7.05 -4.56 -28.80
C GLU A 314 -6.78 -5.72 -27.87
N SER A 315 -7.51 -5.75 -26.75
CA SER A 315 -7.27 -6.77 -25.73
C SER A 315 -8.56 -7.27 -25.08
N GLN A 316 -8.42 -7.82 -23.89
CA GLN A 316 -9.57 -8.29 -23.13
C GLN A 316 -10.25 -7.16 -22.34
N ILE A 317 -9.68 -5.95 -22.44
CA ILE A 317 -10.31 -4.76 -21.87
C ILE A 317 -10.95 -3.96 -22.99
N ILE A 318 -12.26 -3.78 -22.94
CA ILE A 318 -12.91 -2.96 -23.96
C ILE A 318 -13.38 -1.63 -23.38
N GLY A 319 -12.96 -0.54 -24.02
CA GLY A 319 -13.39 0.78 -23.59
C GLY A 319 -14.62 1.31 -24.31
N LEU A 320 -15.74 1.39 -23.59
CA LEU A 320 -16.91 2.13 -24.06
C LEU A 320 -16.74 3.59 -23.71
N GLU A 321 -16.62 4.43 -24.72
CA GLU A 321 -16.42 5.86 -24.47
C GLU A 321 -17.77 6.60 -24.41
N THR A 322 -18.08 7.12 -23.22
CA THR A 322 -19.44 7.57 -22.91
C THR A 322 -19.55 9.05 -22.53
N GLY A 323 -18.53 9.83 -22.90
CA GLY A 323 -18.57 11.28 -22.74
C GLY A 323 -18.66 11.80 -21.31
N ASP A 324 -19.53 12.80 -21.10
CA ASP A 324 -19.66 13.48 -19.82
C ASP A 324 -20.36 12.64 -18.76
N GLU A 325 -20.34 13.13 -17.53
CA GLU A 325 -20.85 12.36 -16.42
C GLU A 325 -22.35 12.06 -16.52
N ARG A 326 -23.13 13.05 -16.96
CA ARG A 326 -24.58 12.87 -17.15
C ARG A 326 -24.84 11.76 -18.16
N ASN A 327 -24.29 11.91 -19.36
CA ASN A 327 -24.48 10.94 -20.43
C ASN A 327 -23.95 9.56 -20.04
N THR A 328 -22.82 9.55 -19.36
CA THR A 328 -22.26 8.32 -18.83
C THR A 328 -23.26 7.66 -17.88
N GLU A 329 -23.91 8.48 -17.04
CA GLU A 329 -24.88 7.93 -16.08
C GLU A 329 -26.00 7.21 -16.80
N LYS A 330 -26.39 7.71 -17.97
CA LYS A 330 -27.47 7.12 -18.75
C LYS A 330 -27.04 5.81 -19.42
N VAL A 331 -25.83 5.81 -19.95
CA VAL A 331 -25.31 4.61 -20.59
C VAL A 331 -25.22 3.46 -19.58
N ARG A 332 -24.75 3.77 -18.37
CA ARG A 332 -24.61 2.77 -17.30
C ARG A 332 -25.96 2.15 -16.95
N ASP A 333 -26.92 3.03 -16.66
CA ASP A 333 -28.24 2.58 -16.27
C ASP A 333 -28.82 1.68 -17.35
N TYR A 334 -28.62 2.08 -18.60
CA TYR A 334 -29.14 1.29 -19.72
C TYR A 334 -28.49 -0.10 -19.81
N LEU A 335 -27.17 -0.16 -19.67
CA LEU A 335 -26.45 -1.43 -19.72
C LEU A 335 -26.80 -2.34 -18.56
N GLU A 336 -27.06 -1.74 -17.40
CA GLU A 336 -27.47 -2.49 -16.23
C GLU A 336 -28.94 -2.88 -16.29
N SER A 337 -29.78 -2.01 -16.87
CA SER A 337 -31.19 -2.32 -17.06
C SER A 337 -31.32 -3.65 -17.80
N ASN A 338 -30.46 -3.85 -18.80
CA ASN A 338 -30.22 -5.18 -19.33
C ASN A 338 -29.06 -5.74 -18.54
N GLY A 339 -28.87 -7.05 -18.56
CA GLY A 339 -27.92 -7.65 -17.63
C GLY A 339 -26.43 -7.43 -17.85
N VAL A 340 -25.99 -6.19 -18.09
CA VAL A 340 -24.58 -5.96 -18.43
C VAL A 340 -23.87 -4.92 -17.55
N PHE A 341 -22.95 -5.42 -16.71
CA PHE A 341 -22.09 -4.59 -15.85
C PHE A 341 -20.65 -4.94 -16.22
N GLY A 342 -19.83 -3.96 -16.59
CA GLY A 342 -20.09 -2.55 -16.41
C GLY A 342 -19.12 -2.08 -15.34
N SER A 343 -18.20 -1.19 -15.70
CA SER A 343 -17.22 -0.71 -14.74
C SER A 343 -16.94 0.76 -15.05
N VAL A 344 -17.53 1.65 -14.27
CA VAL A 344 -17.45 3.09 -14.57
C VAL A 344 -16.09 3.68 -14.22
N PHE A 345 -15.44 4.25 -15.21
CA PHE A 345 -14.21 5.00 -14.98
C PHE A 345 -14.47 6.49 -15.16
N CYS A 346 -14.16 7.26 -14.12
CA CYS A 346 -14.42 8.69 -14.16
C CYS A 346 -13.33 9.43 -13.41
N ARG A 347 -13.44 10.76 -13.36
CA ARG A 347 -12.46 11.55 -12.65
C ARG A 347 -12.23 10.90 -11.28
N PRO A 348 -10.98 10.87 -10.79
CA PRO A 348 -9.73 11.46 -11.29
C PRO A 348 -9.04 10.55 -12.29
N ALA A 349 -9.59 9.35 -12.45
CA ALA A 349 -9.06 8.37 -13.38
C ALA A 349 -9.07 8.87 -14.82
N THR A 350 -10.16 9.57 -15.18
CA THR A 350 -10.33 10.15 -16.51
C THR A 350 -10.66 11.63 -16.39
N SER A 351 -10.66 12.32 -17.53
CA SER A 351 -11.16 13.69 -17.55
C SER A 351 -12.69 13.65 -17.40
N LYS A 352 -13.24 14.64 -16.72
CA LYS A 352 -14.67 14.64 -16.40
C LYS A 352 -15.51 14.47 -17.66
N ASN A 353 -14.96 14.93 -18.78
CA ASN A 353 -15.69 14.89 -20.04
C ASN A 353 -15.46 13.60 -20.82
N LYS A 354 -14.40 12.87 -20.50
CA LYS A 354 -14.08 11.65 -21.24
C LYS A 354 -14.14 10.40 -20.37
N ASN A 355 -15.29 10.20 -19.73
CA ASN A 355 -15.52 9.01 -18.93
C ASN A 355 -15.60 7.74 -19.76
N ILE A 356 -15.31 6.61 -19.13
CA ILE A 356 -15.36 5.33 -19.84
C ILE A 356 -16.13 4.28 -19.03
N ILE A 357 -16.90 3.47 -19.73
CA ILE A 357 -17.48 2.29 -19.10
C ILE A 357 -16.70 1.08 -19.58
N ARG A 358 -15.93 0.48 -18.68
CA ARG A 358 -15.02 -0.59 -19.07
C ARG A 358 -15.63 -1.97 -18.94
N LEU A 359 -15.45 -2.77 -19.98
CA LEU A 359 -15.88 -4.15 -19.97
C LEU A 359 -14.65 -5.05 -19.94
N SER A 360 -14.45 -5.74 -18.82
CA SER A 360 -13.27 -6.58 -18.62
C SER A 360 -13.65 -8.05 -18.75
N LEU A 361 -13.15 -8.70 -19.79
CA LEU A 361 -13.51 -10.08 -20.03
C LEU A 361 -12.65 -11.03 -19.21
N ASN A 362 -13.19 -12.22 -18.94
CA ASN A 362 -12.41 -13.29 -18.33
C ASN A 362 -12.72 -14.64 -18.97
N SER A 363 -11.85 -15.61 -18.71
CA SER A 363 -11.97 -16.94 -19.31
C SER A 363 -13.31 -17.68 -19.09
N ASP A 364 -14.14 -17.23 -18.16
CA ASP A 364 -15.41 -17.94 -17.92
C ASP A 364 -16.51 -17.39 -18.78
N VAL A 365 -16.20 -16.37 -19.56
CA VAL A 365 -17.20 -15.77 -20.43
C VAL A 365 -17.37 -16.66 -21.66
N ASN A 366 -18.62 -16.88 -22.06
CA ASN A 366 -18.94 -17.78 -23.17
C ASN A 366 -19.59 -17.08 -24.36
N ASP A 367 -19.43 -17.70 -25.53
CA ASP A 367 -19.95 -17.18 -26.78
C ASP A 367 -21.35 -16.59 -26.63
N GLU A 368 -22.23 -17.36 -25.99
CA GLU A 368 -23.59 -16.92 -25.80
C GLU A 368 -23.64 -15.53 -25.18
N GLN A 369 -22.79 -15.32 -24.18
CA GLN A 369 -22.78 -14.06 -23.43
C GLN A 369 -22.28 -12.87 -24.25
N ILE A 370 -21.22 -13.07 -25.02
CA ILE A 370 -20.75 -12.03 -25.91
C ILE A 370 -21.93 -11.53 -26.72
N ALA A 371 -22.55 -12.44 -27.47
CA ALA A 371 -23.69 -12.09 -28.31
C ALA A 371 -24.68 -11.20 -27.57
N LYS A 372 -25.01 -11.59 -26.34
CA LYS A 372 -25.93 -10.80 -25.53
C LYS A 372 -25.35 -9.40 -25.34
N ILE A 373 -24.06 -9.34 -25.05
CA ILE A 373 -23.39 -8.05 -24.89
C ILE A 373 -23.53 -7.22 -26.17
N ILE A 374 -23.20 -7.83 -27.29
CA ILE A 374 -23.31 -7.13 -28.56
C ILE A 374 -24.75 -6.71 -28.83
N GLU A 375 -25.68 -7.63 -28.59
CA GLU A 375 -27.10 -7.36 -28.77
C GLU A 375 -27.55 -6.16 -27.96
N VAL A 376 -27.13 -6.11 -26.70
CA VAL A 376 -27.51 -5.02 -25.80
C VAL A 376 -26.91 -3.66 -26.20
N CYS A 377 -25.70 -3.66 -26.73
CA CYS A 377 -25.07 -2.42 -27.17
C CYS A 377 -25.61 -1.99 -28.54
N SER A 378 -25.91 -2.98 -29.37
CA SER A 378 -26.52 -2.71 -30.66
C SER A 378 -27.83 -1.98 -30.42
N ASP A 379 -28.67 -2.56 -29.58
CA ASP A 379 -29.93 -1.93 -29.21
C ASP A 379 -29.65 -0.59 -28.55
N ALA A 380 -28.55 -0.53 -27.81
CA ALA A 380 -28.16 0.68 -27.10
C ALA A 380 -27.76 1.81 -28.04
N VAL A 381 -27.15 1.45 -29.18
CA VAL A 381 -26.49 2.45 -30.00
C VAL A 381 -27.22 3.82 -30.12
N ASN A 382 -28.30 4.00 -30.89
CA ASN A 382 -29.16 3.10 -31.72
C ASN A 382 -30.63 3.27 -31.34
N TYR A 383 -31.01 2.70 -30.21
CA TYR A 383 -32.33 2.95 -29.65
C TYR A 383 -32.24 3.89 -28.43
N GLY A 384 -31.18 3.75 -27.64
CA GLY A 384 -31.02 4.50 -26.41
C GLY A 384 -30.89 6.01 -26.53
N ASP A 385 -31.41 6.73 -25.54
CA ASP A 385 -31.39 8.19 -25.51
C ASP A 385 -30.07 8.72 -24.91
N PHE A 386 -28.98 8.48 -25.62
CA PHE A 386 -27.66 8.85 -25.16
C PHE A 386 -26.66 8.58 -26.26
N TYR A 387 -25.47 9.15 -26.12
CA TYR A 387 -24.48 9.10 -27.17
C TYR A 387 -23.23 8.32 -26.78
N PHE A 388 -22.32 8.19 -27.74
CA PHE A 388 -21.00 7.60 -27.50
C PHE A 388 -19.95 8.44 -28.19
N ARG A 389 -18.70 8.03 -28.04
CA ARG A 389 -17.58 8.71 -28.69
C ARG A 389 -16.82 7.69 -29.52
N PRO B 4 20.27 -4.80 -20.50
CA PRO B 4 20.46 -3.41 -20.88
C PRO B 4 21.08 -2.59 -19.74
N GLN B 5 22.41 -2.44 -19.74
CA GLN B 5 23.08 -1.64 -18.71
C GLN B 5 22.32 -0.34 -18.49
N LEU B 6 22.45 0.22 -17.30
CA LEU B 6 21.67 1.40 -16.95
C LEU B 6 22.25 2.67 -17.57
N PRO B 7 21.38 3.64 -17.88
CA PRO B 7 21.86 4.96 -18.25
C PRO B 7 22.56 5.58 -17.04
N ASP B 8 23.49 6.50 -17.29
CA ASP B 8 24.29 7.09 -16.23
C ASP B 8 23.46 7.76 -15.14
N PHE B 9 22.39 8.43 -15.56
CA PHE B 9 21.63 9.21 -14.63
C PHE B 9 21.02 8.33 -13.54
N ILE B 10 20.75 7.06 -13.85
CA ILE B 10 20.34 6.10 -12.83
C ILE B 10 21.55 5.41 -12.22
N GLN B 11 22.38 4.81 -13.08
CA GLN B 11 23.55 4.09 -12.60
C GLN B 11 24.40 4.93 -11.65
N ASN B 12 24.63 6.19 -11.99
CA ASN B 12 25.41 7.02 -11.08
C ASN B 12 24.80 7.03 -9.68
N LYS B 13 23.49 7.25 -9.61
CA LYS B 13 22.81 7.35 -8.33
C LYS B 13 22.91 6.05 -7.55
N ILE B 14 22.60 4.96 -8.23
CA ILE B 14 22.62 3.63 -7.62
C ILE B 14 23.99 3.26 -7.04
N ASP B 15 25.08 3.64 -7.73
CA ASP B 15 26.44 3.31 -7.29
C ASP B 15 26.75 4.06 -5.99
N HIS B 16 26.47 5.35 -6.01
CA HIS B 16 26.71 6.22 -4.87
C HIS B 16 25.92 5.70 -3.67
N TYR B 17 24.66 5.33 -3.90
CA TYR B 17 23.84 4.76 -2.84
C TYR B 17 24.48 3.47 -2.32
N ILE B 18 24.60 2.46 -3.17
CA ILE B 18 25.29 1.24 -2.78
C ILE B 18 26.57 1.54 -1.98
N GLU B 19 27.33 2.53 -2.41
CA GLU B 19 28.62 2.86 -1.81
C GLU B 19 28.44 3.40 -0.41
N ASN B 20 27.51 4.33 -0.24
CA ASN B 20 27.37 5.00 1.03
C ASN B 20 26.40 4.36 2.00
N TYR B 21 25.76 3.26 1.59
CA TYR B 21 24.80 2.62 2.47
C TYR B 21 25.05 1.13 2.74
N PHE B 22 25.72 0.43 1.82
CA PHE B 22 26.07 -0.96 2.04
C PHE B 22 27.56 -1.12 2.32
N ASP B 23 28.38 -0.66 1.39
CA ASP B 23 29.82 -0.92 1.41
C ASP B 23 30.53 -0.45 2.68
N ILE B 24 30.13 0.71 3.21
CA ILE B 24 30.74 1.26 4.43
C ILE B 24 30.53 0.40 5.68
N ASN B 25 29.50 -0.44 5.70
CA ASN B 25 29.27 -1.31 6.86
C ASN B 25 30.18 -2.54 6.85
N LYS B 26 30.58 -3.01 8.03
CA LYS B 26 31.54 -4.12 8.15
C LYS B 26 31.09 -5.40 7.46
N ASN B 27 29.80 -5.51 7.17
CA ASN B 27 29.32 -6.73 6.55
C ASN B 27 28.90 -6.57 5.09
N GLY B 28 29.15 -5.38 4.54
CA GLY B 28 28.80 -5.07 3.15
C GLY B 28 27.30 -4.97 2.89
N LYS B 29 26.52 -4.93 3.97
CA LYS B 29 25.08 -4.91 3.87
C LYS B 29 24.55 -3.64 4.50
N HIS B 30 23.26 -3.42 4.32
CA HIS B 30 22.61 -2.26 4.91
C HIS B 30 22.63 -2.39 6.42
N LEU B 31 22.78 -1.26 7.10
CA LEU B 31 22.83 -1.23 8.57
C LEU B 31 21.70 -2.03 9.26
N VAL B 32 20.52 -2.09 8.64
CA VAL B 32 19.40 -2.82 9.24
C VAL B 32 19.60 -4.34 9.23
N LEU B 33 20.50 -4.82 8.38
CA LEU B 33 20.73 -6.26 8.29
C LEU B 33 21.95 -6.66 9.10
N GLY B 34 21.74 -7.54 10.06
CA GLY B 34 22.84 -8.03 10.85
C GLY B 34 22.96 -9.53 10.73
N LYS B 35 23.31 -10.15 11.85
CA LYS B 35 23.54 -11.56 12.01
C LYS B 35 22.23 -12.30 11.88
N GLN B 36 22.32 -13.62 11.74
CA GLN B 36 21.13 -14.47 11.79
C GLN B 36 20.88 -14.99 13.22
N ALA B 37 19.62 -14.88 13.67
CA ALA B 37 19.28 -15.23 15.05
C ALA B 37 19.04 -16.73 15.23
N SER B 38 19.43 -17.23 16.40
CA SER B 38 19.18 -18.62 16.77
C SER B 38 17.81 -18.78 17.39
N PRO B 39 17.41 -20.02 17.66
CA PRO B 39 16.20 -20.32 18.41
C PRO B 39 16.39 -19.94 19.86
N ASP B 40 17.65 -19.81 20.27
CA ASP B 40 17.95 -19.44 21.65
C ASP B 40 17.92 -17.93 21.87
N ASP B 41 18.36 -17.18 20.87
CA ASP B 41 18.39 -15.72 20.96
C ASP B 41 17.03 -15.10 21.28
N ILE B 42 17.07 -13.91 21.88
CA ILE B 42 15.91 -13.10 22.21
C ILE B 42 15.62 -12.12 21.06
N ILE B 43 14.47 -12.30 20.43
CA ILE B 43 14.08 -11.48 19.30
C ILE B 43 13.05 -10.46 19.73
N LEU B 44 13.33 -9.18 19.45
CA LEU B 44 12.47 -8.09 19.88
C LEU B 44 12.20 -7.16 18.70
N GLN B 45 11.65 -7.72 17.65
CA GLN B 45 11.49 -7.02 16.38
C GLN B 45 10.05 -6.91 15.96
N SER B 46 9.31 -7.99 16.12
CA SER B 46 7.92 -8.04 15.71
C SER B 46 7.08 -6.92 16.33
N ASN B 47 6.06 -6.47 15.62
CA ASN B 47 5.09 -5.57 16.22
C ASN B 47 3.88 -6.31 16.79
N ASP B 48 3.89 -7.64 16.67
CA ASP B 48 2.79 -8.45 17.17
C ASP B 48 2.88 -8.51 18.70
N TYR B 49 2.31 -7.49 19.33
CA TYR B 49 2.61 -7.19 20.73
C TYR B 49 1.94 -8.18 21.67
N LEU B 50 0.77 -8.68 21.28
CA LEU B 50 0.08 -9.69 22.07
C LEU B 50 0.34 -11.12 21.59
N ALA B 51 1.38 -11.32 20.78
CA ALA B 51 1.83 -12.65 20.37
C ALA B 51 0.71 -13.48 19.76
N LEU B 52 -0.02 -12.89 18.83
CA LEU B 52 -1.20 -13.49 18.23
C LEU B 52 -0.93 -14.07 16.85
N ALA B 53 0.30 -13.94 16.37
CA ALA B 53 0.59 -14.31 14.99
C ALA B 53 0.36 -15.80 14.69
N ASN B 54 0.50 -16.67 15.69
CA ASN B 54 0.27 -18.10 15.48
C ASN B 54 -1.09 -18.57 15.96
N HIS B 55 -1.80 -17.71 16.65
CA HIS B 55 -3.06 -18.09 17.30
C HIS B 55 -3.96 -19.05 16.53
N PRO B 56 -4.11 -20.27 17.06
CA PRO B 56 -4.90 -21.40 16.57
C PRO B 56 -6.24 -20.98 16.01
N LEU B 57 -7.02 -20.26 16.82
CA LEU B 57 -8.34 -19.79 16.40
C LEU B 57 -8.23 -18.87 15.20
N ILE B 58 -7.29 -17.94 15.28
CA ILE B 58 -7.19 -16.94 14.23
C ILE B 58 -6.84 -17.61 12.90
N LYS B 59 -5.85 -18.50 12.92
CA LYS B 59 -5.48 -19.25 11.73
C LYS B 59 -6.68 -20.02 11.20
N ALA B 60 -7.36 -20.71 12.10
CA ALA B 60 -8.52 -21.51 11.75
C ALA B 60 -9.61 -20.69 11.08
N ARG B 61 -9.94 -19.54 11.67
CA ARG B 61 -10.94 -18.67 11.09
C ARG B 61 -10.56 -18.28 9.67
N LEU B 62 -9.28 -17.98 9.45
CA LEU B 62 -8.83 -17.59 8.11
C LEU B 62 -8.93 -18.74 7.10
N ALA B 63 -8.34 -19.88 7.43
CA ALA B 63 -8.39 -21.03 6.52
C ALA B 63 -9.83 -21.33 6.13
N LYS B 64 -10.71 -21.41 7.13
CA LYS B 64 -12.10 -21.76 6.88
C LYS B 64 -12.76 -20.77 5.92
N SER B 65 -12.41 -19.50 6.05
CA SER B 65 -13.00 -18.42 5.25
C SER B 65 -12.45 -18.35 3.84
N LEU B 66 -11.20 -18.73 3.67
CA LEU B 66 -10.63 -18.68 2.34
C LEU B 66 -11.06 -19.92 1.60
N LEU B 67 -11.24 -21.02 2.34
CA LEU B 67 -11.84 -22.22 1.77
C LEU B 67 -13.30 -21.84 1.54
N GLU B 68 -13.80 -22.10 0.34
CA GLU B 68 -15.06 -21.51 -0.14
C GLU B 68 -14.76 -20.17 -0.81
N MET B 75 -11.13 -6.87 -6.82
CA MET B 75 -10.94 -5.59 -7.49
C MET B 75 -10.82 -4.42 -6.49
N SER B 76 -11.00 -3.19 -6.99
CA SER B 76 -10.94 -1.98 -6.16
C SER B 76 -12.06 -1.85 -5.11
N ALA B 77 -11.80 -1.08 -4.06
CA ALA B 77 -12.70 -1.00 -2.90
C ALA B 77 -13.87 -0.04 -3.09
N SER B 78 -13.75 0.85 -4.06
CA SER B 78 -14.78 1.86 -4.30
C SER B 78 -16.10 1.22 -4.74
N PHE B 79 -16.02 0.20 -5.58
CA PHE B 79 -17.20 -0.47 -6.11
C PHE B 79 -17.90 -1.33 -5.04
N LEU B 80 -17.36 -1.29 -3.83
CA LEU B 80 -17.92 -2.07 -2.73
C LEU B 80 -18.28 -1.17 -1.55
N GLN B 81 -18.79 0.03 -1.85
CA GLN B 81 -19.17 0.98 -0.80
C GLN B 81 -20.68 1.10 -0.64
N ASN B 82 -21.43 0.14 -1.17
CA ASN B 82 -22.85 0.03 -0.88
C ASN B 82 -23.03 -0.44 0.55
N ASP B 83 -24.25 -0.33 1.08
CA ASP B 83 -24.52 -0.85 2.43
C ASP B 83 -24.29 -2.35 2.47
N TYR B 84 -24.76 -3.03 1.43
CA TYR B 84 -24.68 -4.49 1.35
C TYR B 84 -23.28 -5.00 1.04
N ASP B 85 -22.39 -4.10 0.64
CA ASP B 85 -21.03 -4.48 0.26
C ASP B 85 -20.02 -4.22 1.37
N LYS B 86 -20.46 -3.62 2.46
CA LYS B 86 -19.55 -3.20 3.53
C LYS B 86 -19.54 -4.14 4.75
N PRO B 87 -18.34 -4.59 5.15
CA PRO B 87 -18.11 -5.71 6.08
C PRO B 87 -18.50 -5.44 7.52
N MET B 88 -18.98 -6.48 8.19
CA MET B 88 -19.28 -6.43 9.60
C MET B 88 -18.09 -5.94 10.40
N ILE B 89 -16.89 -6.29 9.98
CA ILE B 89 -15.70 -5.94 10.73
C ILE B 89 -15.64 -4.43 10.98
N GLU B 90 -16.13 -3.64 10.02
CA GLU B 90 -16.12 -2.18 10.22
C GLU B 90 -17.06 -1.73 11.37
N LYS B 91 -18.28 -2.25 11.39
CA LYS B 91 -19.17 -1.93 12.50
C LYS B 91 -18.61 -2.35 13.87
N ARG B 92 -17.95 -3.50 13.94
CA ARG B 92 -17.38 -3.96 15.19
C ARG B 92 -16.19 -3.11 15.68
N LEU B 93 -15.32 -2.74 14.75
CA LEU B 93 -14.16 -1.92 15.09
C LEU B 93 -14.62 -0.55 15.62
N ALA B 94 -15.56 0.07 14.92
CA ALA B 94 -16.10 1.36 15.35
C ALA B 94 -16.71 1.26 16.75
N LYS B 95 -17.58 0.27 16.94
CA LYS B 95 -18.17 0.07 18.24
C LYS B 95 -17.06 -0.10 19.25
N PHE B 96 -16.10 -0.96 18.90
CA PHE B 96 -14.97 -1.32 19.75
C PHE B 96 -14.23 -0.09 20.29
N THR B 97 -14.06 0.87 19.39
CA THR B 97 -13.23 2.01 19.62
C THR B 97 -14.03 3.22 20.12
N GLY B 98 -15.33 3.19 19.89
CA GLY B 98 -16.21 4.25 20.35
C GLY B 98 -16.39 5.33 19.31
N PHE B 99 -15.63 5.23 18.22
CA PHE B 99 -15.78 6.16 17.08
C PHE B 99 -17.03 5.81 16.26
N ASP B 100 -17.52 6.78 15.50
CA ASP B 100 -18.80 6.60 14.80
C ASP B 100 -18.69 5.65 13.61
N GLU B 101 -17.65 5.81 12.80
CA GLU B 101 -17.50 5.02 11.59
C GLU B 101 -16.07 4.57 11.41
N CYS B 102 -15.92 3.41 10.79
CA CYS B 102 -14.60 2.88 10.55
C CYS B 102 -14.51 2.39 9.11
N LEU B 103 -13.39 2.71 8.46
CA LEU B 103 -13.21 2.31 7.07
C LEU B 103 -11.91 1.52 6.92
N LEU B 104 -12.04 0.30 6.38
CA LEU B 104 -10.88 -0.55 6.12
C LEU B 104 -10.01 -0.01 5.00
N SER B 105 -8.70 -0.15 5.18
CA SER B 105 -7.71 0.15 4.15
C SER B 105 -6.75 -1.04 4.02
N GLN B 106 -5.96 -1.04 2.95
CA GLN B 106 -4.99 -2.09 2.72
C GLN B 106 -3.85 -2.06 3.72
N SER B 107 -3.64 -0.95 4.40
CA SER B 107 -2.57 -0.83 5.38
C SER B 107 -2.69 0.44 6.20
N GLY B 108 -1.97 0.49 7.33
CA GLY B 108 -1.88 1.69 8.13
C GLY B 108 -1.34 2.82 7.27
N TRP B 109 -0.31 2.53 6.49
CA TRP B 109 0.27 3.53 5.60
C TRP B 109 -0.82 4.16 4.73
N ASN B 110 -1.53 3.32 3.98
CA ASN B 110 -2.63 3.79 3.12
C ASN B 110 -3.73 4.50 3.88
N ALA B 111 -4.02 4.03 5.09
CA ALA B 111 -5.07 4.69 5.87
C ALA B 111 -4.70 6.16 6.11
N ASN B 112 -3.48 6.41 6.59
CA ASN B 112 -2.99 7.78 6.80
C ASN B 112 -2.96 8.63 5.53
N VAL B 113 -2.23 8.16 4.54
CA VAL B 113 -2.22 8.78 3.23
C VAL B 113 -3.65 9.12 2.72
N GLY B 114 -4.57 8.18 2.88
CA GLY B 114 -5.92 8.38 2.37
C GLY B 114 -6.73 9.41 3.11
N LEU B 115 -6.70 9.32 4.43
CA LEU B 115 -7.41 10.28 5.25
C LEU B 115 -6.91 11.68 4.92
N LEU B 116 -5.59 11.83 4.94
CA LEU B 116 -4.98 13.14 4.75
C LEU B 116 -5.29 13.73 3.39
N GLN B 117 -5.32 12.92 2.36
CA GLN B 117 -5.63 13.42 1.03
C GLN B 117 -7.08 13.87 0.95
N THR B 118 -7.93 13.20 1.71
CA THR B 118 -9.35 13.51 1.68
C THR B 118 -9.59 14.83 2.38
N ILE B 119 -9.12 14.94 3.62
CA ILE B 119 -9.44 16.09 4.45
C ILE B 119 -8.55 17.30 4.17
N CYS B 120 -7.41 17.08 3.51
CA CYS B 120 -6.51 18.18 3.19
C CYS B 120 -6.76 18.87 1.86
N GLN B 121 -6.24 20.08 1.78
CA GLN B 121 -6.22 20.85 0.55
C GLN B 121 -4.81 21.41 0.40
N PRO B 122 -4.45 21.85 -0.82
CA PRO B 122 -3.08 22.18 -1.19
C PRO B 122 -2.32 23.26 -0.39
N ASN B 123 -2.85 23.79 0.71
CA ASN B 123 -2.00 24.57 1.63
C ASN B 123 -2.36 24.35 3.08
N THR B 124 -3.40 23.56 3.30
CA THR B 124 -3.92 23.31 4.64
C THR B 124 -2.79 23.17 5.65
N ASN B 125 -3.01 23.79 6.81
CA ASN B 125 -2.05 23.75 7.90
C ASN B 125 -2.04 22.38 8.53
N VAL B 126 -0.91 21.70 8.46
CA VAL B 126 -0.79 20.46 9.19
C VAL B 126 0.31 20.51 10.25
N TYR B 127 -0.13 20.38 11.50
CA TYR B 127 0.76 20.50 12.64
C TYR B 127 1.12 19.11 13.08
N ILE B 128 2.33 18.72 12.73
CA ILE B 128 2.72 17.33 12.90
C ILE B 128 3.91 17.19 13.83
N ASP B 129 3.81 16.23 14.75
CA ASP B 129 4.91 15.99 15.68
C ASP B 129 6.13 15.56 14.90
N PHE B 130 7.30 16.05 15.31
CA PHE B 130 8.55 15.71 14.66
CA PHE B 130 8.55 15.71 14.66
C PHE B 130 8.66 14.21 14.41
N PHE B 131 8.18 13.40 15.36
CA PHE B 131 8.39 11.96 15.30
C PHE B 131 7.20 11.15 14.82
N ALA B 132 6.14 11.84 14.41
CA ALA B 132 4.99 11.21 13.78
C ALA B 132 5.39 10.28 12.62
N HIS B 133 4.72 9.13 12.51
CA HIS B 133 5.02 8.16 11.48
C HIS B 133 5.17 8.79 10.10
N MET B 134 6.17 8.31 9.37
CA MET B 134 6.51 8.84 8.05
C MET B 134 5.31 8.93 7.11
N SER B 135 4.33 8.04 7.29
CA SER B 135 3.13 8.04 6.44
C SER B 135 2.24 9.27 6.67
N LEU B 136 2.24 9.80 7.88
CA LEU B 136 1.52 11.05 8.14
C LEU B 136 2.21 12.18 7.39
N TRP B 137 3.54 12.22 7.46
CA TRP B 137 4.30 13.22 6.72
C TRP B 137 3.96 13.20 5.24
N GLU B 138 4.33 12.12 4.58
CA GLU B 138 4.04 11.93 3.17
C GLU B 138 2.56 12.15 2.87
N GLY B 139 1.70 11.74 3.78
CA GLY B 139 0.30 12.08 3.64
C GLY B 139 0.16 13.55 3.29
N ALA B 140 0.56 14.42 4.21
CA ALA B 140 0.40 15.85 4.03
C ALA B 140 1.11 16.31 2.75
N ARG B 141 2.27 15.70 2.49
CA ARG B 141 3.06 16.05 1.34
C ARG B 141 2.37 15.76 -0.01
N TYR B 142 1.71 14.62 -0.14
CA TYR B 142 1.04 14.27 -1.39
C TYR B 142 -0.10 15.25 -1.63
N ALA B 143 -0.73 15.66 -0.54
CA ALA B 143 -1.84 16.60 -0.56
C ALA B 143 -1.34 18.03 -0.70
N ASN B 144 -0.01 18.15 -0.74
CA ASN B 144 0.59 19.47 -0.83
C ASN B 144 0.07 20.39 0.28
N ALA B 145 -0.12 19.82 1.46
CA ALA B 145 -0.48 20.59 2.64
C ALA B 145 0.73 21.41 3.10
N GLN B 146 0.52 22.32 4.04
CA GLN B 146 1.64 23.06 4.59
C GLN B 146 2.09 22.38 5.87
N ALA B 147 3.22 21.66 5.81
CA ALA B 147 3.66 20.90 6.95
C ALA B 147 4.25 21.85 8.00
N HIS B 148 3.71 21.77 9.21
CA HIS B 148 4.30 22.50 10.33
C HIS B 148 4.75 21.54 11.42
N PRO B 149 6.04 21.20 11.41
CA PRO B 149 6.70 20.35 12.40
C PRO B 149 6.78 21.05 13.74
N PHE B 150 6.44 20.33 14.79
CA PHE B 150 6.63 20.84 16.14
C PHE B 150 7.42 19.85 16.99
N MET B 151 8.31 20.38 17.82
CA MET B 151 9.20 19.55 18.61
C MET B 151 8.43 18.53 19.42
N HIS B 152 9.04 17.36 19.55
CA HIS B 152 8.41 16.16 20.10
C HIS B 152 7.57 16.36 21.37
N ASN B 153 6.26 16.20 21.23
CA ASN B 153 5.36 16.31 22.37
C ASN B 153 5.43 17.67 23.02
N ASN B 154 5.90 18.66 22.26
CA ASN B 154 6.04 20.01 22.79
C ASN B 154 4.86 20.91 22.49
N CYS B 155 3.98 21.07 23.47
CA CYS B 155 2.75 21.83 23.25
C CYS B 155 2.97 23.32 23.14
N ASP B 156 4.04 23.81 23.77
CA ASP B 156 4.42 25.21 23.63
C ASP B 156 4.79 25.51 22.19
N HIS B 157 5.66 24.68 21.64
CA HIS B 157 6.03 24.89 20.27
C HIS B 157 4.75 24.85 19.43
N LEU B 158 3.89 23.88 19.73
CA LEU B 158 2.64 23.68 19.01
C LEU B 158 1.78 24.95 19.01
N ARG B 159 1.63 25.54 20.20
CA ARG B 159 0.83 26.72 20.33
C ARG B 159 1.37 27.83 19.46
N MET B 160 2.67 28.11 19.61
CA MET B 160 3.33 29.12 18.81
C MET B 160 2.94 28.97 17.34
N LEU B 161 3.30 27.83 16.75
CA LEU B 161 3.02 27.53 15.34
C LEU B 161 1.56 27.68 14.90
N ILE B 162 0.61 27.21 15.71
CA ILE B 162 -0.81 27.35 15.36
C ILE B 162 -1.17 28.83 15.39
N GLN B 163 -0.84 29.49 16.50
CA GLN B 163 -1.06 30.92 16.63
C GLN B 163 -0.51 31.60 15.41
N ARG B 164 0.72 31.25 15.03
CA ARG B 164 1.34 31.88 13.89
C ARG B 164 0.59 31.59 12.58
N HIS B 165 0.30 30.33 12.31
CA HIS B 165 -0.14 29.95 10.96
C HIS B 165 -1.64 29.76 10.73
N GLY B 166 -2.43 29.58 11.78
CA GLY B 166 -3.87 29.50 11.61
C GLY B 166 -4.44 28.14 11.93
N PRO B 167 -5.76 28.00 11.94
CA PRO B 167 -6.35 26.68 12.22
C PRO B 167 -5.89 25.66 11.19
N GLY B 168 -6.07 24.38 11.51
CA GLY B 168 -5.65 23.31 10.64
C GLY B 168 -5.79 21.95 11.29
N ILE B 169 -4.98 21.00 10.84
CA ILE B 169 -5.10 19.63 11.32
C ILE B 169 -3.88 19.27 12.15
N ILE B 170 -4.11 18.94 13.41
CA ILE B 170 -3.04 18.50 14.28
C ILE B 170 -2.93 16.99 14.23
N VAL B 171 -1.71 16.53 13.97
CA VAL B 171 -1.39 15.13 13.67
C VAL B 171 -0.39 14.50 14.66
N VAL B 172 -0.80 13.45 15.37
CA VAL B 172 0.15 12.77 16.23
C VAL B 172 0.00 11.25 16.29
N ASP B 173 1.11 10.59 16.59
CA ASP B 173 1.10 9.20 17.04
C ASP B 173 0.67 9.27 18.52
N SER B 174 -0.16 8.34 18.96
CA SER B 174 -0.45 8.23 20.39
C SER B 174 0.77 7.63 21.08
N ILE B 175 1.27 6.51 20.56
CA ILE B 175 2.55 5.98 21.00
C ILE B 175 3.56 5.97 19.85
N TYR B 176 4.69 6.66 20.05
CA TYR B 176 5.65 6.87 18.97
C TYR B 176 6.50 5.63 18.64
N SER B 177 6.64 5.35 17.36
CA SER B 177 7.14 4.07 16.90
C SER B 177 8.62 3.81 17.17
N THR B 178 9.45 4.84 17.12
CA THR B 178 10.87 4.66 17.41
C THR B 178 11.22 4.79 18.88
N LEU B 179 10.44 5.59 19.62
CA LEU B 179 10.78 5.97 20.99
C LEU B 179 9.90 5.38 22.10
N GLY B 180 8.68 4.99 21.79
CA GLY B 180 7.78 4.46 22.81
C GLY B 180 7.27 5.54 23.73
N THR B 181 7.50 6.80 23.36
CA THR B 181 6.94 7.92 24.09
C THR B 181 5.45 7.97 23.89
N ILE B 182 4.77 8.73 24.72
CA ILE B 182 3.33 8.87 24.62
C ILE B 182 2.96 10.32 24.38
N ALA B 183 2.13 10.55 23.38
CA ALA B 183 1.59 11.88 23.09
C ALA B 183 0.76 12.43 24.27
N PRO B 184 0.85 13.75 24.49
CA PRO B 184 0.09 14.47 25.53
C PRO B 184 -1.36 14.69 25.07
N LEU B 185 -2.05 13.58 24.84
CA LEU B 185 -3.34 13.57 24.19
C LEU B 185 -4.36 14.52 24.82
N ALA B 186 -4.45 14.48 26.14
CA ALA B 186 -5.36 15.36 26.87
C ALA B 186 -5.10 16.81 26.53
N GLU B 187 -3.83 17.20 26.51
CA GLU B 187 -3.52 18.60 26.27
C GLU B 187 -3.71 18.97 24.81
N LEU B 188 -3.51 17.99 23.94
CA LEU B 188 -3.65 18.19 22.50
C LEU B 188 -5.13 18.35 22.14
N VAL B 189 -5.98 17.67 22.91
CA VAL B 189 -7.41 17.80 22.71
C VAL B 189 -7.86 19.20 23.11
N ASN B 190 -7.29 19.73 24.19
CA ASN B 190 -7.57 21.10 24.61
C ASN B 190 -7.08 22.10 23.57
N ILE B 191 -5.87 21.88 23.09
CA ILE B 191 -5.27 22.77 22.12
C ILE B 191 -6.06 22.87 20.81
N SER B 192 -6.65 21.77 20.37
CA SER B 192 -7.39 21.80 19.12
C SER B 192 -8.74 22.44 19.35
N LYS B 193 -9.29 22.28 20.56
CA LYS B 193 -10.52 22.98 20.90
C LYS B 193 -10.24 24.46 20.87
N GLU B 194 -9.26 24.89 21.65
CA GLU B 194 -8.90 26.29 21.71
C GLU B 194 -8.72 26.91 20.33
N PHE B 195 -7.93 26.28 19.47
CA PHE B 195 -7.58 26.90 18.19
C PHE B 195 -8.44 26.46 17.00
N GLY B 196 -9.60 25.88 17.29
CA GLY B 196 -10.48 25.37 16.25
C GLY B 196 -9.73 24.55 15.21
N CYS B 197 -9.08 23.48 15.67
CA CYS B 197 -8.34 22.58 14.79
C CYS B 197 -8.95 21.19 14.83
N ALA B 198 -8.70 20.39 13.79
CA ALA B 198 -9.05 18.97 13.87
C ALA B 198 -7.82 18.19 14.35
N LEU B 199 -8.07 17.20 15.19
CA LEU B 199 -7.02 16.32 15.70
C LEU B 199 -7.06 14.95 15.02
N LEU B 200 -5.92 14.55 14.43
CA LEU B 200 -5.76 13.21 13.89
C LEU B 200 -4.73 12.41 14.72
N VAL B 201 -5.18 11.30 15.30
CA VAL B 201 -4.33 10.47 16.14
C VAL B 201 -4.09 9.06 15.59
N ASP B 202 -2.83 8.71 15.39
CA ASP B 202 -2.47 7.36 14.92
C ASP B 202 -2.19 6.43 16.11
N GLU B 203 -3.14 5.55 16.42
CA GLU B 203 -2.99 4.64 17.55
C GLU B 203 -2.37 3.28 17.21
N SER B 204 -1.57 3.25 16.15
CA SER B 204 -0.92 2.01 15.72
C SER B 204 -0.34 1.22 16.88
N HIS B 205 0.27 1.92 17.82
CA HIS B 205 1.05 1.23 18.84
C HIS B 205 0.38 1.12 20.20
N SER B 206 -0.84 1.63 20.33
CA SER B 206 -1.59 1.62 21.60
C SER B 206 -2.82 0.73 21.51
N LEU B 207 -3.35 0.60 20.30
CA LEU B 207 -4.57 -0.16 20.06
C LEU B 207 -4.32 -1.65 20.29
N GLY B 208 -5.18 -2.27 21.09
CA GLY B 208 -5.03 -3.67 21.45
C GLY B 208 -4.19 -3.88 22.70
N THR B 209 -3.16 -3.06 22.88
CA THR B 209 -2.27 -3.14 24.04
C THR B 209 -2.71 -2.26 25.21
N HIS B 210 -3.44 -1.18 24.92
CA HIS B 210 -3.89 -0.21 25.92
C HIS B 210 -5.41 -0.07 25.91
N GLY B 211 -5.95 0.50 26.99
CA GLY B 211 -7.36 0.79 27.06
C GLY B 211 -8.20 -0.38 27.56
N PRO B 212 -9.52 -0.16 27.67
CA PRO B 212 -10.50 -1.13 28.12
C PRO B 212 -10.74 -2.23 27.07
N ASN B 213 -10.32 -3.45 27.38
CA ASN B 213 -10.37 -4.52 26.39
C ASN B 213 -9.45 -4.26 25.21
N GLY B 214 -8.49 -3.37 25.40
CA GLY B 214 -7.52 -3.07 24.37
C GLY B 214 -7.95 -1.98 23.40
N ALA B 215 -9.08 -1.34 23.69
CA ALA B 215 -9.63 -0.32 22.82
C ALA B 215 -8.75 0.93 22.56
N GLY B 216 -7.58 1.02 23.20
CA GLY B 216 -6.62 2.07 22.93
C GLY B 216 -6.51 3.18 23.95
N LEU B 217 -5.65 4.17 23.67
CA LEU B 217 -5.38 5.23 24.64
C LEU B 217 -6.47 6.29 24.72
N LEU B 218 -6.96 6.75 23.56
CA LEU B 218 -8.10 7.66 23.52
C LEU B 218 -9.22 7.09 24.36
N ALA B 219 -9.45 5.78 24.22
CA ALA B 219 -10.41 5.09 25.07
C ALA B 219 -9.97 5.15 26.53
N GLU B 220 -8.69 4.93 26.79
CA GLU B 220 -8.21 4.84 28.16
C GLU B 220 -8.32 6.19 28.87
N LEU B 221 -7.97 7.24 28.14
CA LEU B 221 -7.98 8.59 28.68
C LEU B 221 -9.37 9.23 28.72
N GLY B 222 -10.33 8.62 28.03
CA GLY B 222 -11.68 9.13 28.00
C GLY B 222 -11.81 10.28 27.02
N LEU B 223 -11.05 10.22 25.94
CA LEU B 223 -10.98 11.34 25.01
C LEU B 223 -11.58 11.04 23.63
N THR B 224 -12.15 9.84 23.45
CA THR B 224 -12.67 9.45 22.15
C THR B 224 -13.59 10.53 21.57
N ARG B 225 -14.52 10.98 22.39
CA ARG B 225 -15.54 11.93 21.95
C ARG B 225 -15.04 13.33 21.56
N GLU B 226 -13.79 13.65 21.89
CA GLU B 226 -13.22 14.94 21.55
C GLU B 226 -12.39 14.87 20.28
N VAL B 227 -12.03 13.66 19.86
CA VAL B 227 -11.12 13.49 18.74
C VAL B 227 -11.83 13.26 17.40
N HIS B 228 -11.45 14.05 16.41
CA HIS B 228 -12.04 13.95 15.08
C HIS B 228 -11.70 12.63 14.39
N PHE B 229 -10.43 12.25 14.43
CA PHE B 229 -9.93 11.15 13.62
C PHE B 229 -8.97 10.21 14.36
N MET B 230 -9.08 8.93 14.04
CA MET B 230 -8.17 7.93 14.58
C MET B 230 -7.79 6.96 13.47
N THR B 231 -6.51 6.67 13.35
CA THR B 231 -6.06 5.70 12.38
C THR B 231 -5.19 4.68 13.08
N ALA B 232 -4.91 3.61 12.37
CA ALA B 232 -4.07 2.56 12.91
C ALA B 232 -3.70 1.56 11.83
N SER B 233 -2.47 1.06 11.90
CA SER B 233 -2.08 -0.12 11.17
C SER B 233 -2.64 -1.29 11.93
N LEU B 234 -3.06 -2.33 11.23
CA LEU B 234 -3.55 -3.53 11.87
C LEU B 234 -2.45 -4.57 11.80
N ALA B 235 -1.27 -4.13 11.41
CA ALA B 235 -0.14 -5.02 11.31
C ALA B 235 0.68 -5.01 12.60
N LYS B 236 0.13 -4.44 13.67
CA LYS B 236 0.79 -4.59 14.98
C LYS B 236 0.08 -5.65 15.81
N THR B 237 -0.80 -5.22 16.71
CA THR B 237 -1.45 -6.16 17.60
C THR B 237 -2.44 -7.04 16.86
N PHE B 238 -3.11 -6.45 15.89
CA PHE B 238 -4.10 -7.20 15.11
C PHE B 238 -3.38 -8.16 14.20
N ALA B 239 -2.06 -8.03 14.17
CA ALA B 239 -1.19 -8.95 13.44
C ALA B 239 -1.76 -9.27 12.08
N TYR B 240 -2.05 -8.24 11.31
CA TYR B 240 -2.61 -8.45 9.99
C TYR B 240 -2.24 -7.32 9.05
N ARG B 241 -1.96 -7.66 7.80
CA ARG B 241 -1.62 -6.66 6.79
C ARG B 241 -2.84 -5.85 6.34
N ALA B 242 -3.23 -4.85 7.14
CA ALA B 242 -4.32 -3.96 6.75
C ALA B 242 -4.24 -2.64 7.51
N GLY B 243 -5.17 -1.74 7.20
CA GLY B 243 -5.30 -0.49 7.92
C GLY B 243 -6.75 -0.16 8.21
N ALA B 244 -6.98 0.90 8.97
CA ALA B 244 -8.33 1.34 9.27
C ALA B 244 -8.35 2.82 9.62
N ILE B 245 -9.46 3.45 9.30
CA ILE B 245 -9.70 4.85 9.61
C ILE B 245 -11.03 4.97 10.34
N TRP B 246 -10.99 5.47 11.58
CA TRP B 246 -12.22 5.74 12.30
C TRP B 246 -12.54 7.23 12.25
N CYS B 247 -13.82 7.56 12.05
CA CYS B 247 -14.23 8.95 12.08
C CYS B 247 -15.36 9.15 13.07
N ASN B 248 -15.28 10.27 13.77
CA ASN B 248 -16.43 10.79 14.48
C ASN B 248 -17.15 11.81 13.63
N ASN B 249 -17.36 11.46 12.37
CA ASN B 249 -18.03 12.33 11.42
C ASN B 249 -18.23 11.64 10.08
N GLU B 250 -18.51 12.44 9.04
CA GLU B 250 -18.92 11.94 7.74
C GLU B 250 -17.78 11.60 6.80
N VAL B 251 -16.57 12.05 7.13
CA VAL B 251 -15.45 11.91 6.22
C VAL B 251 -15.36 10.53 5.55
N ASN B 252 -15.63 9.50 6.33
CA ASN B 252 -15.57 8.14 5.81
C ASN B 252 -16.48 7.81 4.62
N ARG B 253 -17.54 8.57 4.42
CA ARG B 253 -18.34 8.32 3.22
C ARG B 253 -17.58 8.70 1.97
N CYS B 254 -16.62 9.61 2.12
CA CYS B 254 -15.93 10.21 0.96
C CYS B 254 -14.55 9.64 0.67
N VAL B 255 -13.85 9.19 1.71
CA VAL B 255 -12.50 8.68 1.56
C VAL B 255 -12.39 7.62 0.46
N PRO B 256 -13.36 6.68 0.39
CA PRO B 256 -13.25 5.64 -0.63
C PRO B 256 -13.23 6.19 -2.06
N PHE B 257 -13.73 7.40 -2.27
CA PHE B 257 -13.79 7.93 -3.61
C PHE B 257 -12.76 8.99 -3.85
N ILE B 258 -12.07 9.38 -2.78
CA ILE B 258 -11.07 10.46 -2.88
C ILE B 258 -9.62 9.98 -2.78
N SER B 259 -9.32 9.19 -1.75
CA SER B 259 -7.98 8.62 -1.58
C SER B 259 -7.54 7.77 -2.78
N TYR B 260 -6.39 8.10 -3.33
CA TYR B 260 -5.82 7.34 -4.44
C TYR B 260 -5.60 5.89 -4.08
N PRO B 261 -4.95 5.62 -2.94
CA PRO B 261 -4.79 4.23 -2.55
C PRO B 261 -6.14 3.51 -2.51
N ALA B 262 -7.20 4.22 -2.11
CA ALA B 262 -8.52 3.59 -2.06
C ALA B 262 -9.12 3.42 -3.45
N ILE B 263 -8.91 4.39 -4.33
CA ILE B 263 -9.41 4.35 -5.70
C ILE B 263 -8.63 3.40 -6.64
N PHE B 264 -7.34 3.63 -6.80
CA PHE B 264 -6.53 2.93 -7.80
C PHE B 264 -5.74 1.72 -7.29
N SER B 265 -6.20 1.12 -6.19
CA SER B 265 -5.47 0.01 -5.63
C SER B 265 -6.47 -0.92 -4.95
N SER B 266 -6.28 -2.22 -5.16
CA SER B 266 -7.33 -3.18 -4.82
C SER B 266 -7.51 -3.37 -3.32
N THR B 267 -8.70 -3.81 -2.93
CA THR B 267 -9.08 -3.90 -1.53
C THR B 267 -8.85 -5.27 -0.90
N LEU B 268 -8.99 -5.36 0.42
CA LEU B 268 -8.94 -6.66 1.07
C LEU B 268 -10.13 -7.44 0.58
N LEU B 269 -10.03 -8.76 0.66
CA LEU B 269 -11.13 -9.65 0.31
C LEU B 269 -11.95 -9.96 1.56
N PRO B 270 -13.16 -10.46 1.37
CA PRO B 270 -14.07 -10.64 2.50
C PRO B 270 -13.58 -11.67 3.54
N TYR B 271 -12.69 -12.58 3.15
CA TYR B 271 -12.19 -13.53 4.14
C TYR B 271 -11.14 -12.89 5.04
N GLU B 272 -10.36 -11.96 4.48
CA GLU B 272 -9.40 -11.21 5.27
C GLU B 272 -10.16 -10.48 6.38
N ALA B 273 -11.30 -9.89 6.03
CA ALA B 273 -12.12 -9.18 7.01
C ALA B 273 -12.78 -10.10 8.05
N ALA B 274 -13.00 -11.36 7.69
CA ALA B 274 -13.55 -12.33 8.64
C ALA B 274 -12.49 -12.78 9.64
N GLY B 275 -11.24 -12.81 9.20
CA GLY B 275 -10.13 -13.15 10.06
C GLY B 275 -9.91 -12.11 11.15
N LEU B 276 -10.18 -10.84 10.82
CA LEU B 276 -10.03 -9.76 11.79
C LEU B 276 -11.05 -9.86 12.93
N GLU B 277 -12.24 -10.34 12.62
CA GLU B 277 -13.30 -10.41 13.62
C GLU B 277 -12.89 -11.34 14.74
N THR B 278 -12.27 -12.45 14.39
CA THR B 278 -11.74 -13.36 15.41
C THR B 278 -10.65 -12.64 16.21
N THR B 279 -9.73 -12.00 15.53
CA THR B 279 -8.63 -11.31 16.18
C THR B 279 -9.18 -10.32 17.20
N LEU B 280 -10.15 -9.53 16.79
CA LEU B 280 -10.84 -8.59 17.65
C LEU B 280 -11.33 -9.25 18.94
N GLU B 281 -11.99 -10.39 18.81
CA GLU B 281 -12.51 -11.07 19.97
C GLU B 281 -11.36 -11.46 20.87
N ILE B 282 -10.40 -12.18 20.29
CA ILE B 282 -9.22 -12.61 21.04
C ILE B 282 -8.48 -11.43 21.63
N ILE B 283 -8.51 -10.30 20.95
CA ILE B 283 -7.88 -9.12 21.51
C ILE B 283 -8.66 -8.62 22.72
N GLU B 284 -9.97 -8.48 22.58
CA GLU B 284 -10.81 -7.95 23.66
C GLU B 284 -10.63 -8.70 24.98
N SER B 285 -10.22 -9.94 24.92
CA SER B 285 -10.18 -10.75 26.12
C SER B 285 -8.77 -10.92 26.68
N ALA B 286 -7.79 -10.32 26.03
CA ALA B 286 -6.42 -10.56 26.42
C ALA B 286 -5.96 -9.64 27.56
N ASP B 287 -6.82 -9.43 28.55
CA ASP B 287 -6.45 -8.57 29.68
C ASP B 287 -5.18 -9.14 30.32
N ASN B 288 -5.09 -10.46 30.33
CA ASN B 288 -3.90 -11.17 30.80
C ASN B 288 -2.60 -10.73 30.11
N ARG B 289 -2.60 -10.81 28.78
CA ARG B 289 -1.39 -10.50 28.04
C ARG B 289 -1.05 -9.02 28.14
N ARG B 290 -2.05 -8.16 28.08
CA ARG B 290 -1.79 -6.73 28.18
C ARG B 290 -1.09 -6.39 29.49
N GLN B 291 -1.59 -6.96 30.58
CA GLN B 291 -1.05 -6.67 31.89
C GLN B 291 0.39 -7.14 32.01
N HIS B 292 0.66 -8.35 31.54
CA HIS B 292 1.99 -8.94 31.62
C HIS B 292 2.99 -8.14 30.79
N LEU B 293 2.59 -7.81 29.57
CA LEU B 293 3.44 -7.04 28.68
C LEU B 293 3.79 -5.74 29.38
N ASP B 294 2.78 -5.11 29.95
CA ASP B 294 2.97 -3.85 30.67
C ASP B 294 3.97 -3.96 31.80
N ARG B 295 3.87 -5.06 32.55
CA ARG B 295 4.80 -5.36 33.63
C ARG B 295 6.23 -5.44 33.07
N MET B 296 6.40 -6.23 32.02
CA MET B 296 7.70 -6.45 31.38
C MET B 296 8.34 -5.16 30.87
N ALA B 297 7.56 -4.35 30.17
CA ALA B 297 8.06 -3.09 29.65
C ALA B 297 8.60 -2.23 30.77
N ARG B 298 7.83 -2.11 31.85
CA ARG B 298 8.24 -1.31 33.00
C ARG B 298 9.54 -1.85 33.60
N LYS B 299 9.59 -3.15 33.87
CA LYS B 299 10.79 -3.80 34.34
C LYS B 299 12.01 -3.47 33.46
N LEU B 300 11.83 -3.56 32.15
CA LEU B 300 12.93 -3.31 31.22
C LEU B 300 13.31 -1.83 31.28
N ARG B 301 12.28 -0.98 31.26
CA ARG B 301 12.46 0.47 31.30
C ARG B 301 13.26 0.95 32.53
N ILE B 302 12.84 0.48 33.70
CA ILE B 302 13.55 0.79 34.94
C ILE B 302 15.02 0.32 34.90
N GLY B 303 15.23 -0.92 34.44
CA GLY B 303 16.53 -1.55 34.37
C GLY B 303 17.55 -0.94 33.42
N LEU B 304 17.08 -0.35 32.34
CA LEU B 304 18.00 0.25 31.39
C LEU B 304 18.32 1.67 31.84
N SER B 305 17.35 2.33 32.47
CA SER B 305 17.56 3.68 32.96
C SER B 305 18.64 3.71 34.04
N GLN B 306 18.56 2.80 35.00
CA GLN B 306 19.55 2.78 36.07
C GLN B 306 20.94 2.57 35.52
N LEU B 307 21.03 2.18 34.26
CA LEU B 307 22.32 1.98 33.62
C LEU B 307 22.94 3.28 33.11
N GLY B 308 22.10 4.25 32.75
CA GLY B 308 22.59 5.53 32.27
C GLY B 308 22.11 5.88 30.87
N LEU B 309 21.47 4.92 30.21
CA LEU B 309 20.91 5.14 28.90
C LEU B 309 19.70 6.06 29.00
N THR B 310 19.60 7.01 28.09
CA THR B 310 18.35 7.71 27.91
C THR B 310 17.35 6.65 27.46
N ILE B 311 16.26 6.53 28.19
CA ILE B 311 15.17 5.63 27.84
C ILE B 311 13.85 6.39 27.88
N ARG B 312 13.56 7.12 26.80
CA ARG B 312 12.35 7.94 26.74
C ARG B 312 11.03 7.16 26.82
N SER B 313 11.03 5.92 26.36
CA SER B 313 9.83 5.08 26.32
C SER B 313 8.96 5.15 27.56
N GLU B 314 7.64 5.06 27.38
CA GLU B 314 6.70 4.86 28.46
C GLU B 314 5.83 3.66 28.11
N SER B 315 6.28 2.87 27.15
CA SER B 315 5.45 1.80 26.60
C SER B 315 6.30 0.58 26.32
N GLN B 316 5.73 -0.37 25.57
CA GLN B 316 6.38 -1.64 25.24
C GLN B 316 7.41 -1.53 24.12
N ILE B 317 7.52 -0.34 23.54
CA ILE B 317 8.60 -0.03 22.60
C ILE B 317 9.69 0.72 23.35
N ILE B 318 10.91 0.18 23.32
CA ILE B 318 12.02 0.79 24.02
C ILE B 318 13.12 1.20 23.02
N GLY B 319 13.51 2.48 23.01
CA GLY B 319 14.51 2.92 22.06
C GLY B 319 15.91 3.11 22.63
N LEU B 320 16.84 2.23 22.26
CA LEU B 320 18.23 2.47 22.65
C LEU B 320 18.88 3.46 21.69
N GLU B 321 19.16 4.66 22.18
CA GLU B 321 19.71 5.73 21.33
C GLU B 321 21.21 5.54 21.15
N THR B 322 21.61 5.12 19.95
CA THR B 322 22.98 4.72 19.69
C THR B 322 23.76 5.70 18.79
N GLY B 323 23.33 6.95 18.75
CA GLY B 323 24.03 7.97 17.98
C GLY B 323 24.20 7.69 16.49
N ASP B 324 25.42 7.88 15.99
CA ASP B 324 25.68 7.84 14.56
C ASP B 324 25.78 6.42 14.00
N GLU B 325 25.87 6.32 12.68
CA GLU B 325 25.77 5.04 12.01
C GLU B 325 26.88 4.08 12.44
N ARG B 326 28.13 4.56 12.43
CA ARG B 326 29.26 3.75 12.87
C ARG B 326 29.03 3.18 14.28
N ASN B 327 28.73 4.05 15.24
CA ASN B 327 28.43 3.59 16.61
C ASN B 327 27.27 2.60 16.65
N THR B 328 26.23 2.89 15.89
CA THR B 328 25.05 2.06 15.86
C THR B 328 25.43 0.63 15.41
N GLU B 329 26.28 0.54 14.40
CA GLU B 329 26.70 -0.78 13.93
C GLU B 329 27.34 -1.56 15.08
N LYS B 330 28.28 -0.92 15.78
CA LYS B 330 29.00 -1.53 16.89
C LYS B 330 28.04 -2.00 17.99
N VAL B 331 27.15 -1.11 18.41
CA VAL B 331 26.12 -1.48 19.37
C VAL B 331 25.33 -2.71 18.92
N ARG B 332 24.84 -2.68 17.68
CA ARG B 332 24.03 -3.77 17.13
CA ARG B 332 24.02 -3.78 17.17
C ARG B 332 24.76 -5.09 17.17
N ASP B 333 26.03 -5.04 16.77
CA ASP B 333 26.83 -6.27 16.72
C ASP B 333 27.04 -6.87 18.09
N TYR B 334 27.32 -6.00 19.07
CA TYR B 334 27.42 -6.42 20.45
C TYR B 334 26.13 -7.08 20.95
N LEU B 335 25.01 -6.39 20.74
CA LEU B 335 23.72 -6.91 21.19
C LEU B 335 23.42 -8.26 20.58
N GLU B 336 23.64 -8.37 19.27
CA GLU B 336 23.39 -9.63 18.56
C GLU B 336 24.34 -10.76 18.96
N SER B 337 25.62 -10.45 19.16
CA SER B 337 26.56 -11.46 19.60
C SER B 337 26.19 -11.98 20.98
N ASN B 338 25.39 -11.20 21.69
CA ASN B 338 24.96 -11.63 23.02
C ASN B 338 23.50 -12.06 23.10
N GLY B 339 22.92 -12.38 21.94
CA GLY B 339 21.60 -12.96 21.90
C GLY B 339 20.47 -11.97 22.14
N VAL B 340 20.68 -10.71 21.77
CA VAL B 340 19.59 -9.74 21.82
C VAL B 340 19.37 -9.07 20.47
N PHE B 341 18.17 -9.25 19.91
CA PHE B 341 17.89 -8.74 18.56
C PHE B 341 16.79 -7.68 18.53
N GLY B 342 17.22 -6.43 18.38
CA GLY B 342 16.30 -5.33 18.20
C GLY B 342 16.23 -4.99 16.74
N SER B 343 15.64 -3.86 16.40
CA SER B 343 15.63 -3.43 15.01
C SER B 343 16.32 -2.09 14.89
N VAL B 344 17.26 -1.98 13.96
CA VAL B 344 17.94 -0.73 13.76
C VAL B 344 17.01 0.24 13.05
N PHE B 345 16.82 1.42 13.62
CA PHE B 345 16.15 2.51 12.90
C PHE B 345 17.16 3.59 12.54
N CYS B 346 17.34 3.77 11.24
CA CYS B 346 18.32 4.70 10.73
C CYS B 346 17.63 5.51 9.65
N ARG B 347 18.37 6.43 9.02
CA ARG B 347 17.80 7.25 7.97
C ARG B 347 17.21 6.30 6.94
N PRO B 348 16.06 6.70 6.35
CA PRO B 348 15.43 8.00 6.52
C PRO B 348 14.35 8.02 7.61
N ALA B 349 14.28 6.97 8.42
CA ALA B 349 13.34 7.00 9.55
C ALA B 349 13.85 7.96 10.64
N THR B 350 15.16 8.05 10.78
CA THR B 350 15.77 8.95 11.76
C THR B 350 16.67 9.94 11.00
N SER B 351 17.41 10.79 11.70
CA SER B 351 18.49 11.50 11.01
C SER B 351 19.78 10.71 11.16
N LYS B 352 20.76 11.00 10.30
CA LYS B 352 21.98 10.19 10.25
C LYS B 352 22.63 10.03 11.62
N ASN B 353 22.60 11.09 12.42
CA ASN B 353 23.29 11.11 13.70
C ASN B 353 22.44 10.75 14.93
N LYS B 354 21.22 10.27 14.70
CA LYS B 354 20.36 9.91 15.81
C LYS B 354 19.63 8.61 15.55
N ASN B 355 20.40 7.57 15.27
CA ASN B 355 19.81 6.26 15.06
C ASN B 355 19.31 5.66 16.36
N ILE B 356 18.38 4.73 16.25
CA ILE B 356 17.82 4.06 17.41
C ILE B 356 17.86 2.57 17.16
N ILE B 357 18.18 1.80 18.18
CA ILE B 357 17.97 0.37 18.11
C ILE B 357 16.73 0.06 18.92
N ARG B 358 15.67 -0.35 18.24
CA ARG B 358 14.40 -0.51 18.91
C ARG B 358 14.19 -1.92 19.44
N LEU B 359 13.73 -2.00 20.67
CA LEU B 359 13.35 -3.24 21.33
C LEU B 359 11.83 -3.32 21.40
N SER B 360 11.24 -4.20 20.60
CA SER B 360 9.79 -4.40 20.61
C SER B 360 9.45 -5.54 21.56
N LEU B 361 8.75 -5.21 22.64
CA LEU B 361 8.32 -6.23 23.59
C LEU B 361 6.99 -6.83 23.18
N ASN B 362 6.84 -8.12 23.48
CA ASN B 362 5.56 -8.77 23.28
C ASN B 362 5.21 -9.65 24.49
N SER B 363 3.93 -10.00 24.60
CA SER B 363 3.45 -10.73 25.76
C SER B 363 4.15 -12.07 26.01
N ASP B 364 4.87 -12.59 25.02
CA ASP B 364 5.56 -13.87 25.23
C ASP B 364 6.87 -13.77 26.01
N VAL B 365 7.31 -12.54 26.30
CA VAL B 365 8.62 -12.35 26.92
C VAL B 365 8.69 -12.60 28.44
N ASN B 366 9.69 -13.39 28.84
CA ASN B 366 9.90 -13.78 30.24
C ASN B 366 10.58 -12.74 31.11
N ASP B 367 10.34 -12.82 32.41
CA ASP B 367 11.12 -12.05 33.39
C ASP B 367 12.58 -12.44 33.23
N GLU B 368 12.82 -13.70 32.93
CA GLU B 368 14.15 -14.21 32.75
C GLU B 368 14.79 -13.52 31.56
N GLN B 369 14.01 -13.36 30.49
CA GLN B 369 14.51 -12.76 29.28
C GLN B 369 14.73 -11.27 29.49
N ILE B 370 13.90 -10.67 30.34
CA ILE B 370 14.04 -9.26 30.69
C ILE B 370 15.35 -9.00 31.46
N ALA B 371 15.65 -9.89 32.41
CA ALA B 371 16.87 -9.77 33.20
C ALA B 371 18.12 -9.97 32.34
N LYS B 372 18.01 -10.78 31.30
CA LYS B 372 19.13 -11.00 30.38
C LYS B 372 19.39 -9.76 29.53
N ILE B 373 18.33 -9.16 29.00
CA ILE B 373 18.49 -7.93 28.22
C ILE B 373 19.18 -6.84 29.05
N ILE B 374 18.67 -6.60 30.24
CA ILE B 374 19.30 -5.61 31.11
C ILE B 374 20.77 -5.95 31.38
N GLU B 375 21.01 -7.21 31.72
CA GLU B 375 22.37 -7.70 31.95
C GLU B 375 23.28 -7.46 30.76
N VAL B 376 22.88 -7.97 29.61
CA VAL B 376 23.64 -7.76 28.38
C VAL B 376 23.94 -6.27 28.15
N CYS B 377 22.96 -5.42 28.39
CA CYS B 377 23.14 -3.98 28.23
C CYS B 377 24.09 -3.43 29.28
N SER B 378 23.92 -3.87 30.53
CA SER B 378 24.86 -3.53 31.59
C SER B 378 26.29 -3.77 31.15
N ASP B 379 26.58 -4.99 30.68
CA ASP B 379 27.93 -5.32 30.24
C ASP B 379 28.34 -4.50 29.02
N ALA B 380 27.36 -4.16 28.18
CA ALA B 380 27.63 -3.36 26.99
C ALA B 380 28.16 -2.02 27.43
N VAL B 381 27.46 -1.45 28.42
CA VAL B 381 27.79 -0.17 28.99
C VAL B 381 29.22 -0.11 29.49
N ASN B 382 29.71 -1.25 29.95
CA ASN B 382 31.06 -1.32 30.53
C ASN B 382 32.12 -1.70 29.52
N TYR B 383 31.77 -2.61 28.61
CA TYR B 383 32.65 -3.03 27.53
C TYR B 383 33.54 -1.91 27.01
N GLY B 384 32.99 -1.01 26.22
CA GLY B 384 33.75 0.16 25.79
C GLY B 384 34.09 0.21 24.31
N ASP B 385 33.24 -0.38 23.48
CA ASP B 385 33.48 -0.35 22.05
C ASP B 385 32.58 0.71 21.41
N PHE B 386 31.66 1.25 22.20
CA PHE B 386 30.67 2.16 21.68
C PHE B 386 30.11 2.88 22.86
N TYR B 387 29.17 3.77 22.61
CA TYR B 387 28.50 4.49 23.69
C TYR B 387 26.99 4.39 23.50
N PHE B 388 26.25 4.86 24.50
CA PHE B 388 24.82 5.08 24.37
C PHE B 388 24.51 6.53 24.67
N ARG B 389 23.48 7.07 24.03
CA ARG B 389 23.00 8.42 24.38
C ARG B 389 21.89 8.34 25.42
N LEU B 390 21.20 9.33 25.62
#